data_2XD8
#
_entry.id   2XD8
#
_cell.length_a   1.000
_cell.length_b   1.000
_cell.length_c   1.000
_cell.angle_alpha   90.00
_cell.angle_beta   90.00
_cell.angle_gamma   90.00
#
_symmetry.space_group_name_H-M   'P 1'
#
_entity_poly.entity_id   1
_entity_poly.type   'polypeptide(L)'
_entity_poly.pdbx_seq_one_letter_code
;MANANQVALGRSNLSTGTGYGGATDKYALYLKLFSGEMFKGFQHETIARDLVTKRTLKNGKSLQFIYTGRMTSSFHTPGT
PILGNADKAPPVAEKTIVMDDLLISSAFVYDLDETLAHYELRGEISKKIGYALAEKYDRLIFRSITRGARSASPVSATNF
VEPGGTQIRVGSGTNESDAFTASALVNAFYDAAAAMDEKGVSSQGRCAVLNPRQYYALIQDIGSNGLVNRDVQGSALQSG
NGVIEIAGIHIYKSMNIPFLGKYGVKYGGTTGETSPGNLGSHIGPTPENANATGGVNNDYGTNAELGAKSCGLIFQKEAA
GVVEAIGPQVQVTNGDVSVIYQGDVILGRMAMGADYLNPAAAVELYIGATAPSAF
;
_entity_poly.pdbx_strand_id   A,B,C,D,E,F,G
#
# COMPACT_ATOMS: atom_id res chain seq x y z
CA MET A 1 -29.01 -34.04 48.71
CA ALA A 2 -25.73 -35.90 48.26
CA ASN A 3 -25.47 -36.22 44.48
CA ALA A 4 -25.17 -33.92 41.47
CA ASN A 5 -23.46 -35.28 39.74
CA GLN A 6 -22.84 -31.73 38.60
CA VAL A 7 -25.00 -28.80 37.47
CA ALA A 8 -26.17 -25.84 39.55
CA LEU A 9 -25.97 -27.60 41.68
CA GLY A 10 -24.72 -30.95 42.99
CA ARG A 11 -26.44 -31.57 40.91
CA SER A 12 -27.51 -31.60 44.56
CA ASN A 13 -25.29 -33.77 46.76
CA LEU A 14 -21.68 -32.82 46.02
CA SER A 15 -19.80 -35.26 43.80
CA THR A 16 -22.10 -38.23 43.20
CA GLY A 17 -20.79 -38.69 39.66
CA THR A 18 -19.36 -35.35 38.56
CA GLY A 19 -19.06 -31.72 39.66
CA TYR A 20 -19.61 -30.79 37.10
CA GLY A 21 -18.32 -29.70 34.91
CA GLY A 22 -17.63 -29.48 32.24
CA ALA A 23 -13.92 -29.13 32.90
CA THR A 24 -14.80 -25.54 33.77
CA ASP A 25 -13.54 -24.26 37.13
CA LYS A 26 -11.46 -22.71 36.16
CA TYR A 27 -9.85 -23.26 32.75
CA ALA A 28 -8.00 -22.39 30.88
CA LEU A 29 -9.72 -24.82 28.51
CA TYR A 30 -13.49 -24.29 28.26
CA LEU A 31 -15.03 -27.35 29.90
CA LYS A 32 -13.41 -30.78 29.69
CA LEU A 33 -11.74 -33.54 31.71
CA PHE A 34 -9.08 -36.22 31.21
CA SER A 35 -7.90 -35.03 27.80
CA GLY A 36 -8.41 -32.32 27.56
CA GLU A 37 -8.56 -28.75 26.27
CA MET A 38 -8.43 -27.43 22.71
CA PHE A 39 -11.02 -25.36 20.84
CA LYS A 40 -13.58 -26.08 23.57
CA GLY A 41 -14.47 -22.74 25.14
CA PHE A 42 -17.07 -20.68 23.29
CA GLN A 43 -18.58 -18.56 22.34
CA HIS A 44 -19.59 -18.40 19.77
CA GLU A 45 -18.96 -15.43 17.60
CA THR A 46 -20.28 -17.16 14.57
CA ILE A 47 -20.69 -18.03 11.58
CA ALA A 48 -20.23 -21.17 9.40
CA ARG A 49 -22.50 -20.04 6.69
CA ASP A 50 -19.74 -19.79 6.14
CA LEU A 51 -20.92 -19.64 2.48
CA VAL A 52 -21.29 -20.74 -1.09
CA THR A 53 -23.85 -23.55 -0.96
CA LYS A 54 -26.24 -24.88 -1.38
CA ARG A 55 -27.29 -26.70 0.42
CA THR A 56 -29.41 -29.86 0.18
CA LEU A 57 -29.74 -33.36 -1.27
CA LYS A 58 -33.24 -34.49 -2.26
CA ASN A 59 -31.42 -37.80 -2.71
CA GLY A 60 -28.32 -39.45 -4.16
CA LYS A 61 -26.15 -39.50 -5.88
CA SER A 62 -26.14 -36.89 -6.79
CA LEU A 63 -25.13 -33.71 -8.64
CA GLN A 64 -22.01 -33.15 -10.75
CA PHE A 65 -20.66 -30.28 -12.86
CA ILE A 66 -19.78 -28.65 -14.91
CA TYR A 67 -18.39 -25.29 -16.05
CA THR A 68 -16.17 -24.03 -15.00
CA GLY A 69 -15.79 -22.36 -18.39
CA ARG A 70 -12.76 -23.23 -20.49
CA MET A 71 -13.20 -24.75 -22.76
CA THR A 72 -10.96 -26.16 -25.49
CA SER A 73 -9.84 -24.94 -28.92
CA SER A 74 -9.05 -23.90 -31.37
CA PHE A 75 -11.55 -22.49 -33.87
CA HIS A 76 -9.54 -23.81 -36.81
CA THR A 77 -8.91 -22.58 -40.34
CA PRO A 78 -11.14 -22.45 -43.44
CA GLY A 79 -8.94 -24.87 -45.38
CA THR A 80 -10.48 -26.52 -48.44
CA PRO A 81 -14.27 -26.72 -48.21
CA ILE A 82 -14.32 -29.32 -45.43
CA LEU A 83 -16.48 -28.78 -42.36
CA GLY A 84 -15.83 -30.40 -40.21
CA ASN A 85 -15.81 -29.20 -36.61
CA ALA A 86 -12.82 -29.31 -34.25
CA ASP A 87 -12.27 -29.60 -30.50
CA LYS A 88 -10.97 -32.31 -28.17
CA ALA A 89 -10.48 -32.15 -24.40
CA PRO A 90 -13.79 -31.18 -22.78
CA PRO A 91 -13.81 -30.80 -18.98
CA VAL A 92 -14.81 -30.44 -16.41
CA ALA A 93 -15.30 -31.21 -12.72
CA GLU A 94 -16.40 -34.56 -11.26
CA LYS A 95 -18.58 -34.30 -8.15
CA THR A 96 -21.23 -34.39 -7.36
CA ILE A 97 -22.22 -34.88 -3.73
CA VAL A 98 -25.09 -35.37 -1.29
CA MET A 99 -23.77 -37.38 1.65
CA ASP A 100 -24.37 -35.06 4.61
CA ASP A 101 -24.65 -34.30 7.27
CA LEU A 102 -24.20 -34.31 11.04
CA LEU A 103 -24.32 -33.67 13.75
CA ILE A 104 -27.78 -34.15 15.26
CA SER A 105 -27.89 -33.06 18.90
CA SER A 106 -29.82 -33.83 22.09
CA ALA A 107 -30.66 -31.98 25.31
CA PHE A 108 -28.20 -32.95 28.04
CA VAL A 109 -30.27 -32.63 29.86
CA TYR A 110 -31.38 -34.87 31.07
CA ASP A 111 -34.90 -36.21 30.58
CA LEU A 112 -37.39 -33.37 31.06
CA ASP A 113 -37.25 -34.90 34.53
CA GLU A 114 -33.66 -33.70 34.75
CA THR A 115 -34.44 -30.09 33.87
CA LEU A 116 -37.14 -30.39 36.55
CA ALA A 117 -35.20 -31.81 39.50
CA HIS A 118 -32.96 -28.96 38.38
CA TYR A 119 -34.74 -25.58 38.74
CA GLU A 120 -32.56 -22.56 39.82
CA LEU A 121 -31.23 -21.33 36.73
CA ARG A 122 -32.42 -20.74 33.16
CA GLY A 123 -30.77 -22.64 30.31
CA GLU A 124 -32.21 -25.84 28.92
CA ILE A 125 -33.04 -23.79 25.85
CA SER A 126 -31.06 -21.92 23.49
CA LYS A 127 -28.46 -22.67 25.92
CA LYS A 128 -27.90 -26.19 24.72
CA ILE A 129 -29.24 -26.08 21.33
CA GLY A 130 -27.22 -23.02 20.78
CA TYR A 131 -23.89 -24.31 21.79
CA ALA A 132 -24.53 -27.44 20.02
CA LEU A 133 -25.27 -25.86 16.70
CA ALA A 134 -22.50 -23.34 16.51
CA GLU A 135 -19.78 -25.93 17.33
CA LYS A 136 -21.36 -28.68 15.39
CA TYR A 137 -20.83 -26.43 12.57
CA ASP A 138 -17.16 -25.99 13.32
CA ARG A 139 -16.57 -29.64 12.67
CA LEU A 140 -18.52 -29.19 9.46
CA ILE A 141 -15.80 -26.92 8.22
CA PHE A 142 -13.01 -29.15 9.13
CA ARG A 143 -13.60 -31.58 6.37
CA SER A 144 -14.74 -28.97 3.96
CA ILE A 145 -12.01 -26.56 4.17
CA THR A 146 -9.56 -29.36 4.53
CA ARG A 147 -10.42 -31.08 1.28
CA GLY A 148 -9.90 -28.03 -0.66
CA ALA A 149 -6.66 -27.31 0.96
CA ARG A 150 -4.59 -30.41 1.03
CA SER A 151 -6.45 -31.54 -1.93
CA ALA A 152 -5.09 -29.32 -4.58
CA SER A 153 -2.33 -31.91 -4.44
CA PRO A 154 -2.06 -34.19 -1.39
CA VAL A 155 0.42 -34.96 1.34
CA SER A 156 -0.37 -36.93 4.51
CA ALA A 157 -3.74 -36.77 6.21
CA THR A 158 -3.03 -35.25 9.56
CA ASN A 159 0.51 -34.53 8.36
CA PHE A 160 1.94 -31.05 8.51
CA VAL A 161 1.36 -28.68 5.64
CA GLU A 162 3.33 -25.62 6.88
CA PRO A 163 1.95 -22.86 4.55
CA GLY A 164 4.68 -21.87 5.08
CA GLY A 165 7.19 -24.28 3.58
CA THR A 166 9.26 -27.51 3.88
CA GLN A 167 11.80 -25.17 5.50
CA ILE A 168 11.51 -23.23 8.84
CA ARG A 169 13.54 -23.69 12.07
CA VAL A 170 10.54 -24.37 14.22
CA GLY A 171 7.10 -23.74 15.56
CA SER A 172 8.13 -24.56 19.14
CA GLY A 173 6.10 -22.33 21.28
CA THR A 174 5.96 -20.03 18.20
CA ASN A 175 8.28 -20.04 15.13
CA GLU A 176 9.32 -19.68 12.17
CA SER A 177 9.76 -17.34 9.19
CA ASP A 178 9.03 -15.08 12.13
CA ALA A 179 5.30 -14.90 12.52
CA PHE A 180 5.94 -16.79 9.36
CA THR A 181 5.93 -14.04 6.72
CA ALA A 182 8.35 -12.78 8.88
CA SER A 183 4.76 -11.48 8.96
CA ALA A 184 5.10 -9.53 5.79
CA LEU A 185 4.89 -12.65 3.79
CA VAL A 186 1.14 -12.02 3.00
CA ASN A 187 0.53 -9.27 0.41
CA ALA A 188 2.82 -10.86 -2.00
CA PHE A 189 1.32 -14.22 -1.34
CA TYR A 190 -2.13 -12.79 -2.05
CA ASP A 191 -1.60 -10.85 -5.19
CA ALA A 192 0.42 -13.47 -6.91
CA ALA A 193 -2.24 -15.96 -6.11
CA ALA A 194 -5.06 -13.86 -7.64
CA ALA A 195 -3.20 -12.89 -10.60
CA MET A 196 -3.44 -16.56 -11.26
CA ASP A 197 -6.85 -17.23 -9.90
CA GLU A 198 -5.76 -17.52 -13.39
CA LYS A 199 -8.33 -17.07 -12.52
CA GLY A 200 -11.50 -15.84 -11.46
CA VAL A 201 -13.47 -12.73 -11.79
CA SER A 202 -14.94 -11.64 -8.47
CA SER A 203 -13.74 -11.66 -6.21
CA GLN A 204 -13.22 -11.99 -3.40
CA GLY A 205 -10.62 -12.32 -0.65
CA ARG A 206 -11.03 -13.59 2.90
CA CYS A 207 -9.70 -16.42 4.97
CA ALA A 208 -7.60 -17.77 6.30
CA VAL A 209 -8.56 -16.28 9.59
CA LEU A 210 -5.45 -14.74 11.18
CA ASN A 211 -6.19 -12.33 12.25
CA PRO A 212 -3.49 -12.26 14.85
CA ARG A 213 -1.92 -12.76 11.44
CA GLN A 214 -4.18 -10.22 9.80
CA TYR A 215 -2.28 -8.26 12.30
CA TYR A 216 1.40 -8.97 11.88
CA ALA A 217 -0.24 -7.57 8.82
CA LEU A 218 -1.77 -4.71 10.63
CA ILE A 219 1.66 -3.47 11.35
CA GLN A 220 1.68 -0.34 9.29
CA ASP A 221 0.78 -2.34 6.23
CA ILE A 222 3.65 -4.65 6.82
CA GLY A 223 6.10 -1.85 6.64
CA SER A 224 4.70 0.69 4.22
CA ASN A 225 3.60 -2.29 2.39
CA GLY A 226 0.22 -2.12 4.06
CA LEU A 227 -2.31 -0.60 3.76
CA VAL A 228 -4.47 2.28 4.99
CA ASN A 229 -2.22 3.77 7.62
CA ARG A 230 -1.86 7.44 8.16
CA ASP A 231 -4.20 10.25 7.50
CA VAL A 232 -7.15 8.05 7.42
CA GLN A 233 -7.72 6.99 10.89
CA GLY A 234 -4.74 4.69 11.11
CA SER A 235 -5.48 2.46 14.07
CA ALA A 236 -4.34 -0.22 16.44
CA LEU A 237 -8.01 0.68 16.79
CA GLN A 238 -9.26 -1.63 13.91
CA SER A 239 -9.23 -3.56 10.61
CA GLY A 240 -8.07 -3.30 7.99
CA ASN A 241 -11.43 -3.52 6.43
CA GLY A 242 -11.48 -3.62 2.70
CA VAL A 243 -8.80 -4.33 3.22
CA ILE A 244 -6.52 -5.45 0.36
CA GLU A 245 -7.87 -7.05 -2.78
CA ILE A 246 -10.49 -9.56 -1.58
CA ALA A 247 -10.66 -7.79 0.58
CA GLY A 248 -13.85 -7.06 -1.32
CA ILE A 249 -15.30 -3.75 -0.19
CA HIS A 250 -16.93 -5.33 2.89
CA ILE A 251 -18.11 -8.89 2.12
CA TYR A 252 -14.86 -10.52 3.09
CA LYS A 253 -13.78 -12.64 4.44
CA SER A 254 -11.90 -13.81 7.56
CA MET A 255 -12.21 -16.51 10.23
CA ASN A 256 -14.33 -18.01 13.05
CA ILE A 257 -11.29 -20.18 13.36
CA PRO A 258 -10.44 -23.64 12.53
CA PHE A 259 -7.52 -25.89 13.06
CA LEU A 260 -5.56 -29.15 13.85
CA GLY A 261 -6.16 -32.49 12.15
CA LYS A 262 -5.91 -35.15 14.85
CA TYR A 263 -5.86 -38.72 13.52
CA GLY A 264 -3.65 -39.00 10.45
CA VAL A 265 -5.92 -36.64 8.54
CA LYS A 266 -8.07 -37.65 7.11
CA TYR A 267 -9.49 -40.15 4.62
CA GLY A 268 -11.88 -39.51 5.85
CA GLY A 269 -13.80 -37.60 3.18
CA THR A 270 -14.01 -34.14 1.66
CA THR A 271 -17.12 -32.66 0.02
CA GLY A 272 -19.15 -34.62 0.29
CA GLU A 273 -19.97 -37.48 1.46
CA THR A 274 -20.19 -37.47 5.30
CA SER A 275 -20.08 -38.84 8.07
CA PRO A 276 -17.02 -40.78 9.56
CA GLY A 277 -14.03 -39.68 11.79
CA ASN A 278 -10.39 -38.32 11.99
CA LEU A 279 -8.65 -35.31 13.85
CA GLY A 280 -9.98 -31.88 14.83
CA SER A 281 -10.61 -28.69 12.98
CA HIS A 282 -10.09 -26.75 16.11
CA ILE A 283 -7.89 -28.11 18.90
CA GLY A 284 -7.27 -25.46 21.48
CA PRO A 285 -9.39 -24.56 23.03
CA THR A 286 -6.92 -23.17 25.73
CA PRO A 287 -5.39 -22.48 28.40
CA GLU A 288 -2.29 -20.29 28.89
CA ASN A 289 0.74 -20.12 26.61
CA ALA A 290 2.10 -17.12 24.79
CA ASN A 291 3.15 -19.08 21.73
CA ALA A 292 0.52 -21.64 20.86
CA THR A 293 -2.16 -18.92 20.82
CA GLY A 294 -1.63 -20.05 17.26
CA GLY A 295 -0.63 -23.46 15.89
CA VAL A 296 -0.48 -26.30 15.65
CA ASN A 297 -1.27 -24.57 13.84
CA ASN A 298 0.57 -26.79 11.34
CA ASP A 299 -1.21 -24.69 8.79
CA TYR A 300 -0.32 -23.33 6.70
CA GLY A 301 -0.88 -20.98 5.10
CA THR A 302 -2.99 -20.19 2.06
CA ASN A 303 -6.64 -19.43 1.58
CA ALA A 304 -7.83 -19.29 -2.04
CA GLU A 305 -11.16 -17.49 -1.58
CA LEU A 306 -14.65 -17.65 -2.77
CA GLY A 307 -16.48 -21.02 -4.09
CA ALA A 308 -17.24 -24.30 -2.32
CA LYS A 309 -19.88 -25.07 -1.78
CA SER A 310 -21.29 -26.61 1.04
CA CYS A 311 -23.69 -28.49 -0.84
CA GLY A 312 -25.90 -30.08 1.66
CA LEU A 313 -27.52 -31.36 3.62
CA ILE A 314 -29.38 -30.36 6.18
CA PHE A 315 -30.26 -28.11 9.38
CA GLN A 316 -31.56 -28.09 12.80
CA LYS A 317 -33.45 -28.96 15.78
CA GLU A 318 -35.06 -30.00 18.70
CA ALA A 319 -37.31 -32.96 20.56
CA ALA A 320 -40.98 -32.55 22.09
CA GLY A 321 -43.96 -34.14 23.79
CA VAL A 322 -41.24 -34.76 26.46
CA VAL A 323 -43.08 -37.72 27.96
CA GLU A 324 -41.13 -39.42 26.35
CA ALA A 325 -37.60 -38.46 26.74
CA ILE A 326 -38.97 -39.46 30.10
CA GLY A 327 -41.17 -42.33 28.91
CA PRO A 328 -38.21 -43.97 27.22
CA GLN A 329 -34.59 -44.05 28.42
CA VAL A 330 -30.93 -43.95 27.38
CA GLN A 331 -28.89 -40.86 26.49
CA VAL A 332 -31.00 -39.10 26.17
CA THR A 333 -33.79 -36.73 25.13
CA ASN A 334 -35.49 -33.52 26.27
CA GLY A 335 -32.78 -30.99 25.46
CA ASP A 336 -31.42 -30.93 21.92
CA VAL A 337 -32.55 -32.24 18.53
CA SER A 338 -30.80 -31.41 15.25
CA VAL A 339 -27.18 -30.39 15.84
CA ILE A 340 -25.24 -31.82 12.90
CA TYR A 341 -27.45 -31.54 9.82
CA GLN A 342 -26.88 -32.74 6.26
CA GLY A 343 -23.74 -31.96 4.27
CA ASP A 344 -23.26 -31.16 1.66
CA VAL A 345 -19.83 -30.33 0.27
CA ILE A 346 -17.53 -27.45 -0.66
CA LEU A 347 -16.60 -27.36 -3.27
CA GLY A 348 -13.50 -26.01 -5.00
CA ARG A 349 -14.56 -25.47 -8.62
CA MET A 350 -13.65 -22.06 -10.01
CA ALA A 351 -10.93 -21.80 -9.49
CA MET A 352 -9.04 -23.33 -6.56
CA GLY A 353 -5.78 -21.38 -6.63
CA ALA A 354 -4.04 -21.60 -3.26
CA ASP A 355 -0.40 -22.26 -4.14
CA TYR A 356 0.91 -20.46 -1.04
CA LEU A 357 1.74 -18.66 0.89
CA ASN A 358 5.04 -20.55 0.84
CA PRO A 359 6.11 -18.68 2.60
CA ALA A 360 9.03 -17.45 0.48
CA ALA A 361 10.68 -17.15 2.69
CA ALA A 362 12.67 -17.84 5.85
CA VAL A 363 11.52 -21.27 7.02
CA MET B 1 0.13 22.98 74.22
CA ALA B 2 3.19 20.85 74.92
CA ASN B 3 3.88 18.12 72.36
CA ALA B 4 2.34 15.85 69.71
CA ASN B 5 2.45 15.28 67.00
CA GLN B 6 2.99 14.00 63.46
CA VAL B 7 0.29 16.57 62.73
CA ALA B 8 1.68 19.16 65.13
CA LEU B 9 0.43 21.64 64.99
CA GLY B 10 -1.62 21.92 66.82
CA ARG B 11 -2.57 20.94 69.24
CA SER B 12 0.75 20.15 70.91
CA ASN B 13 4.17 21.11 69.57
CA LEU B 14 6.72 18.36 68.98
CA SER B 15 5.44 15.04 70.35
CA THR B 16 3.35 13.50 69.40
CA GLY B 17 6.08 11.08 70.43
CA THR B 18 6.94 10.50 66.78
CA GLY B 19 4.75 10.91 63.70
CA TYR B 20 3.55 11.97 61.44
CA GLY B 21 4.57 14.54 61.39
CA GLY B 22 4.70 14.43 58.63
CA ALA B 23 7.14 11.76 57.46
CA THR B 24 6.37 13.42 54.12
CA ASP B 25 8.69 16.42 53.82
CA LYS B 26 9.94 16.21 51.36
CA TYR B 27 8.97 13.50 48.86
CA ALA B 28 9.21 11.68 46.79
CA LEU B 29 7.29 9.47 49.23
CA TYR B 30 4.31 11.54 50.39
CA LEU B 31 3.62 10.55 54.00
CA LYS B 32 5.03 7.24 55.21
CA LEU B 33 6.44 7.93 58.68
CA PHE B 34 6.98 4.84 60.82
CA SER B 35 5.36 3.03 57.90
CA GLY B 36 5.00 4.58 55.64
CA GLU B 37 5.65 6.08 52.21
CA MET B 38 3.25 4.00 50.13
CA PHE B 39 -0.41 4.29 49.14
CA LYS B 40 -0.08 7.55 51.10
CA GLY B 41 1.42 9.12 47.97
CA PHE B 42 -2.08 9.76 46.66
CA GLN B 43 -3.98 13.05 46.41
CA HIS B 44 -5.85 11.62 44.96
CA GLU B 45 -5.27 12.31 41.26
CA THR B 46 -7.27 9.30 40.07
CA ILE B 47 -8.22 6.76 39.50
CA ALA B 48 -9.59 3.34 40.44
CA ARG B 49 -13.21 2.79 39.39
CA ASP B 50 -13.16 0.48 37.86
CA LEU B 51 -16.73 -0.56 37.09
CA VAL B 52 -18.39 -3.90 36.31
CA THR B 53 -20.17 -4.76 39.56
CA LYS B 54 -22.34 -5.92 40.83
CA ARG B 55 -23.38 -4.73 43.11
CA THR B 56 -25.13 -4.75 45.26
CA LEU B 57 -26.72 -8.16 45.83
CA LYS B 58 -27.02 -8.05 49.62
CA ASN B 59 -28.36 -11.61 49.72
CA GLY B 60 -25.30 -13.78 50.26
CA LYS B 61 -24.90 -16.49 49.57
CA SER B 62 -25.54 -17.60 47.12
CA LEU B 63 -27.65 -15.96 44.42
CA GLN B 64 -25.55 -16.47 41.29
CA PHE B 65 -26.43 -15.74 37.67
CA ILE B 66 -23.93 -16.88 35.04
CA TYR B 67 -23.81 -16.54 31.25
CA THR B 68 -21.68 -17.32 29.67
CA GLY B 69 -22.07 -18.87 26.23
CA ARG B 70 -20.65 -21.95 24.53
CA MET B 71 -20.86 -24.73 24.59
CA THR B 72 -19.65 -28.02 23.10
CA SER B 73 -21.99 -30.63 21.61
CA SER B 74 -19.54 -31.80 21.04
CA PHE B 75 -20.92 -33.34 17.85
CA HIS B 76 -21.08 -37.14 17.83
CA THR B 77 -21.13 -39.19 14.63
CA PRO B 78 -22.94 -42.50 15.16
CA GLY B 79 -22.85 -45.21 14.52
CA THR B 80 -25.14 -48.19 14.96
CA PRO B 81 -28.69 -47.83 16.32
CA ILE B 82 -27.20 -47.57 19.82
CA LEU B 83 -27.67 -43.84 20.42
CA GLY B 84 -27.88 -42.39 23.92
CA ASN B 85 -26.09 -39.10 23.28
CA ALA B 86 -23.82 -39.41 26.30
CA ASP B 87 -22.96 -35.75 26.87
CA LYS B 88 -23.50 -32.95 29.40
CA ALA B 89 -21.01 -31.07 31.57
CA PRO B 90 -23.15 -27.98 30.91
CA PRO B 91 -20.94 -25.20 32.30
CA VAL B 92 -20.70 -22.71 33.52
CA ALA B 93 -18.87 -21.61 36.67
CA GLU B 94 -20.89 -19.40 39.02
CA LYS B 95 -19.63 -18.10 42.37
CA THR B 96 -19.78 -15.85 43.98
CA ILE B 97 -18.00 -15.30 47.30
CA VAL B 98 -18.66 -11.62 48.00
CA MET B 99 -17.49 -12.74 51.44
CA ASP B 100 -16.27 -9.56 53.16
CA ASP B 101 -15.75 -6.09 51.70
CA LEU B 102 -14.06 -3.55 53.95
CA LEU B 103 -12.86 -1.36 55.17
CA ILE B 104 -14.29 1.25 57.54
CA SER B 105 -13.02 4.63 58.73
CA SER B 106 -13.01 7.08 61.64
CA ALA B 107 -12.18 10.76 62.15
CA PHE B 108 -8.57 10.95 63.35
CA VAL B 109 -8.84 13.06 65.13
CA TYR B 110 -9.20 12.42 67.80
CA ASP B 111 -12.71 13.33 68.95
CA LEU B 112 -14.95 16.37 68.55
CA ASP B 113 -13.00 17.75 71.50
CA GLU B 114 -9.86 17.31 69.42
CA THR B 115 -11.14 19.24 66.40
CA LEU B 116 -12.06 21.91 68.96
CA ALA B 117 -8.84 22.33 70.93
CA HIS B 118 -7.62 22.47 67.34
CA TYR B 119 -5.68 24.04 67.82
CA GLU B 120 -6.23 25.71 64.43
CA LEU B 121 -6.82 24.64 60.79
CA ARG B 122 -9.44 23.69 58.16
CA GLY B 123 -10.14 20.03 57.46
CA GLU B 124 -11.94 17.62 59.75
CA ILE B 125 -14.32 17.11 56.85
CA SER B 126 -13.91 15.89 53.47
CA LYS B 127 -10.39 16.12 54.42
CA LYS B 128 -10.36 12.90 56.35
CA ILE B 129 -13.25 11.14 54.99
CA GLY B 130 -11.94 11.90 51.60
CA TYR B 131 -8.51 10.55 51.97
CA ALA B 132 -9.82 7.63 53.74
CA LEU B 133 -12.22 6.60 51.05
CA ALA B 134 -10.05 7.00 48.01
CA GLU B 135 -7.19 4.93 49.52
CA LYS B 136 -9.40 2.48 51.22
CA TYR B 137 -10.50 1.74 47.82
CA ASP B 138 -6.97 1.14 46.57
CA ARG B 139 -6.64 -1.79 48.89
CA LEU B 140 -9.97 -2.99 47.57
CA ILE B 141 -8.37 -3.46 44.19
CA PHE B 142 -5.42 -5.26 45.45
CA ARG B 143 -7.22 -8.44 46.11
CA SER B 144 -9.55 -8.04 43.23
CA ILE B 145 -7.21 -7.44 40.50
CA THR B 146 -4.79 -9.85 42.03
CA ARG B 147 -7.10 -12.82 42.00
CA GLY B 148 -7.79 -12.47 38.44
CA ALA B 149 -4.22 -12.12 37.58
CA ARG B 150 -2.27 -14.78 39.32
CA SER B 151 -5.32 -16.82 39.33
CA ALA B 152 -5.61 -17.77 35.74
CA SER B 153 -3.04 -20.32 36.88
CA PRO B 154 -1.16 -19.75 40.14
CA VAL B 155 2.41 -19.27 41.29
CA SER B 156 3.44 -18.02 44.75
CA ALA B 157 1.41 -15.49 46.68
CA THR B 158 3.65 -12.51 46.96
CA ASN B 159 6.04 -14.23 44.56
CA PHE B 160 7.19 -12.50 41.40
CA VAL B 161 5.12 -12.78 38.27
CA GLU B 162 7.30 -10.77 35.83
CA PRO B 163 4.81 -10.14 32.95
CA GLY B 164 7.39 -10.18 31.50
CA GLY B 165 8.88 -13.65 31.74
CA THR B 166 10.95 -16.23 33.70
CA GLN B 167 13.86 -14.63 31.82
CA ILE B 168 15.22 -11.01 32.12
CA ARG B 169 18.63 -9.83 33.44
CA VAL B 170 17.19 -7.66 36.13
CA GLY B 171 14.89 -5.05 37.53
CA SER B 172 17.65 -3.49 39.66
CA GLY B 173 16.89 0.13 39.73
CA THR B 174 15.10 -0.51 36.39
CA ASN B 175 15.53 -3.49 34.00
CA GLU B 176 14.89 -5.70 31.82
CA SER B 177 13.63 -6.45 28.31
CA ASP B 178 14.41 -2.75 28.31
CA ALA B 179 11.40 -0.98 29.67
CA PHE B 180 10.42 -4.56 29.29
CA THR B 181 8.93 -4.66 25.77
CA ALA B 182 12.07 -3.30 25.06
CA SER B 183 8.96 -1.09 25.35
CA ALA B 184 7.56 -2.19 22.05
CA LEU B 185 6.48 -5.42 23.55
CA VAL B 186 2.84 -4.17 23.94
CA ASN B 187 0.86 -4.02 20.67
CA ALA B 188 1.67 -7.51 19.88
CA PHE B 189 0.87 -8.58 23.37
CA TYR B 190 -2.52 -6.88 23.09
CA ASP B 191 -3.76 -8.04 19.76
CA ALA B 192 -2.78 -11.61 20.22
CA ALA B 193 -4.54 -11.60 23.51
CA ALA B 194 -7.83 -10.29 22.05
CA ALA B 195 -7.81 -12.43 19.13
CA MET B 196 -8.17 -15.07 21.74
CA ASP B 197 -10.38 -13.26 24.16
CA GLU B 198 -11.21 -16.25 22.19
CA LYS B 199 -12.99 -14.41 23.18
CA GLY B 200 -15.23 -11.71 23.87
CA VAL B 201 -17.24 -9.27 21.96
CA SER B 202 -16.85 -5.77 23.33
CA SER B 203 -14.67 -4.67 24.09
CA GLN B 204 -12.75 -3.14 25.61
CA GLY B 205 -9.11 -2.43 26.39
CA ARG B 206 -7.60 -0.63 29.36
CA CYS B 207 -5.27 -1.47 32.18
CA ALA B 208 -2.72 -2.18 33.19
CA VAL B 209 -1.93 1.38 34.06
CA LEU B 210 1.47 2.25 32.59
CA ASN B 211 1.29 4.77 31.52
CA PRO B 212 4.92 5.58 31.86
CA ARG B 213 4.55 2.33 29.95
CA GLN B 214 1.66 3.64 27.91
CA TYR B 215 4.47 5.85 27.00
CA TYR B 216 7.46 3.74 26.06
CA ALA B 217 4.43 3.12 23.95
CA LEU B 218 3.90 6.72 23.18
CA ILE B 219 7.17 6.69 21.39
CA GLN B 220 5.99 7.21 17.87
CA ASP B 221 3.74 4.21 18.16
CA ILE B 222 6.61 2.09 19.28
CA GLY B 223 8.49 2.78 16.14
CA SER B 224 5.95 3.22 13.40
CA ASN B 225 4.20 0.53 15.16
CA GLY B 226 2.14 3.05 17.06
CA LEU B 227 -0.24 4.75 16.61
CA VAL B 228 -1.61 8.20 15.73
CA ASN B 229 1.59 10.08 15.15
CA ARG B 230 2.02 12.60 12.43
CA ASP B 231 -0.45 14.78 10.70
CA VAL B 232 -2.93 14.46 13.40
CA GLN B 233 -1.60 16.41 16.23
CA GLY B 234 1.17 14.01 17.10
CA SER B 235 2.16 14.94 20.63
CA ALA B 236 4.47 14.47 23.55
CA LEU B 237 1.44 16.64 24.31
CA GLN B 238 -1.00 13.70 25.07
CA SER B 239 -2.56 10.22 24.87
CA GLY B 240 -2.92 8.16 22.90
CA ASN B 241 -6.59 8.20 23.45
CA GLY B 242 -8.53 5.59 21.61
CA VAL B 243 -5.93 4.51 21.50
CA ILE B 244 -5.38 0.99 20.11
CA GLU B 245 -8.08 -1.65 20.22
CA ILE B 246 -9.60 -1.40 23.71
CA ALA B 247 -8.73 1.23 23.49
CA GLY B 248 -12.46 1.59 23.05
CA ILE B 249 -13.28 4.96 21.55
CA HIS B 250 -13.04 6.72 24.96
CA ILE B 251 -14.28 4.41 27.74
CA TYR B 252 -10.92 2.85 28.39
CA LYS B 253 -9.22 2.06 30.37
CA SER B 254 -5.95 2.77 32.24
CA MET B 255 -4.73 3.05 35.84
CA ASN B 256 -5.05 4.85 39.21
CA ILE B 257 -2.18 2.58 40.01
CA PRO B 258 -1.71 -0.47 42.00
CA PHE B 259 1.16 -2.60 43.01
CA LEU B 260 3.39 -4.82 45.29
CA GLY B 261 2.17 -7.83 47.24
CA LYS B 262 3.87 -7.72 50.62
CA TYR B 263 3.40 -10.88 52.70
CA GLY B 264 3.75 -13.99 50.56
CA VAL B 265 0.90 -12.45 48.58
CA LYS B 266 -1.69 -12.99 49.40
CA TYR B 267 -4.22 -15.55 50.65
CA GLY B 268 -5.78 -13.51 51.67
CA GLY B 269 -8.77 -13.92 49.38
CA THR B 270 -9.86 -13.11 45.84
CA THR B 271 -12.73 -10.62 46.05
CA GLY B 272 -14.35 -11.29 48.19
CA GLU B 273 -13.41 -13.05 50.10
CA THR B 274 -12.21 -11.14 53.16
CA SER B 275 -10.45 -10.15 55.06
CA PRO B 276 -7.51 -12.35 54.05
CA GLY B 277 -4.95 -9.67 53.16
CA ASN B 278 -1.18 -9.64 52.83
CA LEU B 279 0.99 -6.74 51.65
CA GLY B 280 -1.15 -5.76 48.67
CA SER B 281 -0.36 -3.70 45.59
CA HIS B 282 0.22 -0.59 47.69
CA ILE B 283 3.81 0.10 48.76
CA GLY B 284 5.94 2.62 46.90
CA PRO B 285 4.27 4.80 47.41
CA THR B 286 8.01 5.01 48.16
CA PRO B 287 10.39 7.92 47.55
CA GLU B 288 12.82 8.74 44.73
CA ASN B 289 14.72 5.91 43.04
CA ALA B 290 15.24 5.23 39.33
CA ASN B 291 13.31 2.57 37.42
CA ALA B 292 11.85 2.39 40.91
CA THR B 293 9.42 5.05 39.70
CA GLY B 294 8.10 1.71 38.56
CA GLY B 295 8.42 -1.73 40.16
CA VAL B 296 8.54 -3.72 42.23
CA ASN B 297 6.86 -3.60 40.21
CA ASN B 298 7.27 -7.39 40.01
CA ASP B 299 4.35 -7.17 37.67
CA TYR B 300 3.98 -8.09 35.22
CA GLY B 301 2.58 -7.53 32.75
CA THR B 302 -0.83 -8.33 31.29
CA ASN B 303 -4.22 -6.81 31.72
CA ALA B 304 -7.11 -8.77 30.15
CA GLU B 305 -9.82 -6.08 30.15
CA LEU B 306 -13.57 -6.25 30.66
CA GLY B 307 -15.58 -7.45 32.11
CA ALA B 308 -16.85 -8.95 35.36
CA LYS B 309 -17.32 -8.13 39.07
CA SER B 310 -18.41 -6.31 42.02
CA CYS B 311 -19.71 -5.40 44.33
CA GLY B 312 -21.63 -4.14 47.27
CA LEU B 313 -21.98 -0.63 48.31
CA ILE B 314 -20.71 1.76 49.33
CA PHE B 315 -21.90 4.13 51.64
CA GLN B 316 -20.07 5.83 54.10
CA LYS B 317 -19.42 6.80 56.45
CA GLU B 318 -18.76 7.87 59.84
CA ALA B 319 -18.54 11.29 61.49
CA ALA B 320 -21.42 12.60 63.60
CA GLY B 321 -22.52 13.36 67.14
CA VAL B 322 -20.56 15.64 69.46
CA VAL B 323 -21.57 13.28 72.26
CA GLU B 324 -20.30 10.78 72.15
CA ALA B 325 -17.11 10.32 70.37
CA ILE B 326 -16.53 12.53 73.37
CA GLY B 327 -18.89 10.76 75.78
CA PRO B 328 -17.14 7.46 75.15
CA GLN B 329 -13.40 6.73 75.11
CA VAL B 330 -10.98 4.42 73.29
CA GLN B 331 -9.01 6.36 70.69
CA VAL B 332 -10.38 7.55 68.60
CA THR B 333 -13.80 8.70 67.38
CA ASN B 334 -15.61 11.48 65.53
CA GLY B 335 -16.03 10.37 61.92
CA ASP B 336 -15.61 7.47 59.51
CA VAL B 337 -17.77 4.46 58.63
CA SER B 338 -18.38 2.05 55.76
CA VAL B 339 -15.54 1.39 53.32
CA ILE B 340 -16.23 -2.07 51.87
CA TYR B 341 -19.98 -2.34 51.41
CA GLN B 342 -19.93 -5.96 50.22
CA GLY B 343 -16.92 -6.62 48.01
CA ASP B 344 -18.45 -7.47 45.87
CA VAL B 345 -15.74 -9.52 44.16
CA ILE B 346 -14.36 -9.23 40.63
CA LEU B 347 -14.90 -11.32 38.90
CA GLY B 348 -13.19 -12.85 35.86
CA ARG B 349 -15.97 -14.59 33.94
CA MET B 350 -16.05 -13.78 30.24
CA ALA B 351 -13.47 -14.28 29.36
CA MET B 352 -10.27 -13.93 31.41
CA GLY B 353 -7.60 -13.99 28.71
CA ALA B 354 -4.38 -12.47 30.01
CA ASP B 355 -1.67 -14.85 28.82
CA TYR B 356 1.15 -12.54 27.73
CA LEU B 357 2.92 -10.67 26.69
CA ASN B 358 5.53 -13.29 27.57
CA PRO B 359 7.19 -11.14 27.01
CA ALA B 360 8.84 -12.65 23.92
CA ALA B 361 11.21 -11.23 24.14
CA ALA B 362 14.62 -10.44 25.63
CA VAL B 363 14.19 -10.98 29.38
CA MET C 1 40.03 67.35 32.26
CA ALA C 2 42.66 64.74 33.09
CA ASN C 3 40.68 62.34 35.28
CA ALA C 4 37.64 60.10 34.89
CA ASN C 5 37.87 57.49 35.77
CA GLN C 6 35.23 54.81 35.14
CA VAL C 7 31.54 55.23 34.32
CA ALA C 8 32.49 56.91 31.04
CA LEU C 9 33.54 58.73 29.23
CA GLY C 10 33.95 61.30 31.99
CA ARG C 11 35.19 62.75 33.99
CA SER C 12 36.28 62.03 31.54
CA ASN C 13 39.78 61.08 30.41
CA LEU C 14 39.61 57.28 30.31
CA SER C 15 41.67 56.78 33.46
CA THR C 16 41.31 56.52 36.20
CA GLY C 17 42.64 53.72 34.03
CA THR C 18 40.81 51.96 35.13
CA GLY C 19 37.97 52.61 32.92
CA TYR C 20 35.93 52.25 31.09
CA GLY C 21 34.65 50.14 29.81
CA GLY C 22 36.62 48.43 30.78
CA ALA C 23 35.38 44.86 30.48
CA THR C 24 31.79 45.20 29.27
CA ASP C 25 32.47 45.10 25.54
CA LYS C 26 33.49 44.11 23.09
CA TYR C 27 31.95 40.63 23.04
CA ALA C 28 31.32 38.03 23.78
CA LEU C 29 31.38 39.04 27.45
CA TYR C 30 29.63 41.94 29.18
CA LEU C 31 31.23 44.56 31.41
CA LYS C 32 33.39 43.11 34.19
CA LEU C 33 37.03 44.00 33.55
CA PHE C 34 38.99 41.08 35.01
CA SER C 35 35.75 40.39 36.88
CA GLY C 36 35.56 40.09 34.14
CA GLU C 37 33.27 39.20 31.23
CA MET C 38 30.32 36.81 31.06
CA PHE C 39 27.88 37.51 33.90
CA LYS C 40 27.20 41.15 34.79
CA GLY C 41 24.91 41.95 31.87
CA PHE C 42 21.41 42.85 30.72
CA GLN C 43 19.59 42.53 28.65
CA HIS C 44 17.30 41.81 30.02
CA GLU C 45 14.57 39.87 28.36
CA THR C 46 12.85 39.22 31.61
CA ILE C 47 11.15 37.83 33.84
CA ALA C 48 11.67 36.33 37.34
CA ARG C 49 8.10 36.50 38.33
CA ASP C 50 9.04 33.93 37.57
CA LEU C 51 6.11 32.18 39.29
CA VAL C 52 5.64 29.45 41.90
CA THR C 53 4.72 32.46 44.04
CA LYS C 54 3.21 34.06 45.73
CA ARG C 55 3.13 36.84 45.83
CA THR C 56 3.23 38.12 48.29
CA LEU C 57 3.54 37.93 52.08
CA LYS C 58 3.40 39.83 55.36
CA ASN C 59 3.82 38.13 58.73
CA GLY C 60 6.48 36.66 61.01
CA LYS C 61 6.50 34.03 61.86
CA SER C 62 4.29 30.97 61.34
CA LEU C 63 2.56 31.11 59.17
CA GLN C 64 2.18 27.46 58.16
CA PHE C 65 0.22 25.79 55.37
CA ILE C 66 -1.30 22.32 55.05
CA TYR C 67 -4.24 20.48 53.48
CA THR C 68 -3.52 17.99 52.53
CA GLY C 69 -2.01 14.81 51.10
CA ARG C 70 -1.44 11.45 52.77
CA MET C 71 -4.86 9.80 52.56
CA THR C 72 -3.31 6.53 53.72
CA SER C 73 -6.19 4.39 54.99
CA SER C 74 -6.08 1.88 56.16
CA PHE C 75 -9.13 -0.39 55.92
CA HIS C 76 -9.78 -3.58 57.89
CA THR C 77 -12.64 -5.72 59.19
CA PRO C 78 -13.21 -7.46 62.54
CA GLY C 79 -13.16 -9.47 64.45
CA THR C 80 -15.97 -7.57 66.15
CA PRO C 81 -16.08 -4.28 68.08
CA ILE C 82 -13.78 -1.35 67.26
CA LEU C 83 -14.80 1.60 65.09
CA GLY C 84 -11.67 3.50 66.08
CA ASN C 85 -8.12 2.48 65.22
CA ALA C 86 -6.69 4.84 65.51
CA ASP C 87 -3.10 3.96 64.62
CA LYS C 88 -1.62 7.35 63.72
CA ALA C 89 -2.85 10.12 61.42
CA PRO C 90 -1.53 9.54 57.90
CA PRO C 91 0.27 12.68 56.70
CA VAL C 92 0.71 15.41 57.02
CA ALA C 93 3.14 18.33 56.66
CA GLU C 94 3.51 22.09 57.04
CA LYS C 95 6.72 24.12 56.90
CA THR C 96 6.40 26.81 56.29
CA ILE C 97 8.90 29.63 55.89
CA VAL C 98 9.29 33.39 55.42
CA MET C 99 12.23 35.59 54.39
CA ASP C 100 13.00 38.87 52.64
CA ASP C 101 14.70 40.26 50.94
CA LEU C 102 17.34 41.69 48.59
CA LEU C 103 19.28 42.78 46.96
CA ILE C 104 18.22 46.06 48.57
CA SER C 105 19.46 47.69 45.37
CA SER C 106 22.23 50.28 45.80
CA ALA C 107 23.84 52.73 43.38
CA PHE C 108 26.97 54.87 43.59
CA VAL C 109 27.08 56.48 41.32
CA TYR C 110 29.33 57.72 42.36
CA ASP C 111 30.30 61.32 43.16
CA LEU C 112 27.44 63.47 41.85
CA ASP C 113 29.50 66.38 40.56
CA GLU C 114 30.40 63.67 38.05
CA THR C 115 26.87 63.23 36.72
CA LEU C 116 26.90 67.03 36.40
CA ALA C 117 30.14 67.68 34.52
CA HIS C 118 28.59 64.91 32.44
CA TYR C 119 26.71 66.92 29.81
CA GLU C 120 24.36 64.29 28.37
CA LEU C 121 24.51 60.52 28.76
CA ARG C 122 21.06 59.47 29.99
CA GLY C 123 22.75 57.10 32.44
CA GLU C 124 20.89 57.73 35.67
CA ILE C 125 17.31 56.49 35.63
CA SER C 126 15.75 53.40 34.58
CA LYS C 127 19.12 52.79 33.32
CA LYS C 128 20.54 51.79 36.65
CA ILE C 129 17.56 50.87 38.53
CA GLY C 130 16.56 48.76 35.64
CA TYR C 131 19.65 46.75 35.27
CA ALA C 132 19.89 46.37 38.90
CA LEU C 133 16.45 44.92 39.35
CA ALA C 134 16.38 42.46 36.52
CA GLU C 135 19.74 40.88 37.50
CA LYS C 136 19.16 41.13 41.16
CA TYR C 137 16.33 38.93 40.43
CA ASP C 138 18.49 36.40 38.64
CA ARG C 139 20.36 35.72 41.82
CA LEU C 140 17.01 35.36 43.51
CA ILE C 141 16.33 32.32 41.39
CA PHE C 142 19.60 30.74 42.02
CA ARG C 143 18.81 29.68 45.50
CA SER C 144 15.21 29.06 44.79
CA ILE C 145 15.43 26.86 41.87
CA THR C 146 18.48 25.24 43.32
CA ARG C 147 16.84 24.09 46.52
CA GLY C 148 14.16 22.38 44.73
CA ALA C 149 16.50 20.69 42.42
CA ARG C 150 19.32 19.22 44.38
CA SER C 151 17.04 19.03 47.24
CA ALA C 152 14.77 16.26 46.23
CA SER C 153 17.71 14.23 47.50
CA PRO C 154 21.11 15.93 47.91
CA VAL C 155 24.60 15.59 46.54
CA SER C 156 27.37 18.20 46.95
CA ALA C 157 26.67 21.91 47.01
CA THR C 158 28.39 23.24 43.98
CA ASN C 159 29.02 19.66 42.91
CA PHE C 160 27.96 18.42 39.50
CA VAL C 161 24.47 17.08 39.03
CA GLU C 162 24.61 16.08 35.31
CA PRO C 163 20.87 15.68 34.51
CA GLY C 164 22.08 13.76 32.64
CA GLY C 165 23.71 10.97 34.60
CA THR C 166 26.75 9.63 36.56
CA GLN C 167 27.85 8.43 33.11
CA ILE C 168 28.81 10.54 30.01
CA ARG C 169 32.24 10.86 28.29
CA VAL C 170 32.48 14.56 28.74
CA GLY C 171 31.24 18.10 28.60
CA SER C 172 34.57 19.43 27.31
CA GLY C 173 33.72 22.23 25.05
CA THR C 174 30.35 20.40 24.61
CA ASN C 175 29.54 16.71 25.36
CA GLU C 176 27.92 14.11 26.14
CA SER C 177 24.92 11.89 25.45
CA ASP C 178 25.23 14.11 22.40
CA ALA C 179 23.47 17.33 23.16
CA PHE C 180 22.75 15.04 26.02
CA THR C 181 19.50 13.34 24.97
CA ALA C 182 21.48 12.61 22.19
CA SER C 183 18.97 15.50 22.13
CA ALA C 184 15.99 13.25 21.87
CA LEU C 185 16.27 12.38 25.48
CA VAL C 186 13.48 14.89 26.42
CA ASN C 187 9.95 13.73 25.51
CA ALA C 188 10.42 10.55 27.30
CA PHE C 189 11.92 12.29 30.23
CA TYR C 190 8.89 14.58 30.38
CA ASP C 191 6.04 12.21 30.07
CA ALA C 192 7.38 9.68 32.46
CA ALA C 193 7.91 12.41 34.95
CA ALA C 194 4.29 13.68 34.73
CA ALA C 195 2.77 10.39 34.77
CA MET C 196 4.24 10.36 38.20
CA ASP C 197 3.73 13.95 39.13
CA GLU C 198 2.16 11.01 40.67
CA LYS C 199 1.16 13.56 40.66
CA GLY C 200 -0.46 16.69 40.05
CA VAL C 201 -3.41 17.94 38.19
CA SER C 202 -2.58 21.03 36.18
CA SER C 203 -0.46 21.41 34.79
CA GLN C 204 1.84 22.65 33.59
CA GLY C 205 5.17 22.22 31.83
CA ARG C 206 7.99 24.71 31.36
CA CYS C 207 11.58 25.00 32.36
CA ALA C 208 14.29 24.15 32.24
CA VAL C 209 15.14 26.81 29.75
CA LEU C 210 16.95 25.17 26.81
CA ASN C 211 15.95 26.28 24.52
CA PRO C 212 19.00 25.66 22.45
CA ARG C 213 17.85 22.40 24.00
CA GLN C 214 14.21 23.12 23.32
CA TYR C 215 15.76 22.99 19.96
CA TYR C 216 17.78 19.80 19.66
CA ALA C 217 14.15 19.24 20.40
CA LEU C 218 12.97 21.42 17.62
CA ILE C 219 14.55 19.02 15.23
CA GLN C 220 11.48 17.64 13.59
CA ASP C 221 10.10 16.64 16.93
CA ILE C 222 13.23 14.79 17.75
CA GLY C 223 12.85 12.58 14.78
CA SER C 224 9.14 12.16 14.21
CA ASN C 225 9.00 12.10 17.85
CA GLY C 226 8.26 15.79 17.94
CA LEU C 227 5.94 17.59 17.55
CA VAL C 228 4.03 19.91 15.20
CA ASN C 229 6.12 19.59 12.08
CA ARG C 230 4.65 19.44 8.66
CA ASP C 231 1.46 20.81 7.31
CA VAL C 232 1.09 23.22 10.04
CA GLN C 233 3.65 25.79 9.47
CA GLY C 234 6.59 23.64 10.42
CA SER C 235 9.39 26.09 11.11
CA ALA C 236 13.01 26.70 11.92
CA LEU C 237 10.85 29.82 12.08
CA GLN C 238 9.56 29.23 15.72
CA SER C 239 8.48 27.35 18.86
CA GLY C 240 7.22 24.85 19.52
CA ASN C 241 4.58 26.64 21.43
CA GLY C 242 2.15 24.47 23.26
CA VAL C 243 4.26 22.66 22.82
CA ILE C 244 4.18 19.19 24.42
CA GLU C 245 2.30 18.50 27.62
CA ILE C 246 3.11 21.43 29.91
CA ALA C 247 3.47 22.75 27.49
CA GLY C 248 0.17 24.17 28.69
CA ILE C 249 -1.65 25.84 25.84
CA HIS C 250 0.41 29.06 26.20
CA ILE C 251 1.25 29.72 29.88
CA TYR C 252 4.45 27.76 29.83
CA LYS C 253 7.06 27.79 30.65
CA SER C 254 10.72 28.18 29.61
CA MET C 255 13.81 30.14 30.72
CA ASN C 256 15.39 33.58 31.27
CA ILE C 257 18.35 31.43 32.04
CA PRO C 258 20.15 30.42 35.08
CA PHE C 259 23.23 28.49 35.85
CA LEU C 260 26.55 27.54 37.63
CA GLY C 261 26.96 27.17 41.39
CA LYS C 262 30.32 28.69 42.28
CA TYR C 263 31.44 28.03 45.85
CA GLY C 264 30.71 24.45 46.87
CA VAL C 265 26.98 25.04 46.46
CA LYS C 266 25.49 25.96 48.60
CA TYR C 267 24.49 25.75 52.26
CA GLY C 268 23.71 28.37 51.85
CA GLY C 269 19.93 28.25 52.07
CA THR C 270 16.92 27.35 49.95
CA THR C 271 13.41 28.82 50.40
CA GLY C 272 13.62 30.69 52.50
CA GLU C 273 15.55 32.18 54.59
CA THR C 274 17.94 34.63 52.85
CA SER C 275 20.58 36.25 52.66
CA PRO C 276 24.20 34.76 52.70
CA GLY C 277 26.60 33.63 49.85
CA ASN C 278 27.87 30.75 47.56
CA LEU C 279 28.33 30.31 43.68
CA GLY C 280 26.42 31.80 40.74
CA SER C 281 23.13 31.06 39.13
CA HIS C 282 24.38 32.40 35.90
CA ILE C 283 28.09 32.35 35.09
CA GLY C 284 28.65 33.25 31.50
CA PRO C 285 28.09 35.84 30.64
CA THR C 286 30.38 35.37 27.49
CA PRO C 287 32.55 35.69 25.23
CA GLU C 288 33.26 33.39 22.26
CA ASN C 289 33.24 29.58 22.29
CA ALA C 290 31.09 27.27 20.24
CA ASN C 291 30.71 24.70 23.00
CA ALA C 292 30.18 26.44 26.31
CA THR C 293 27.28 28.44 24.85
CA GLY C 294 25.82 25.96 27.28
CA GLY C 295 27.31 24.50 30.47
CA VAL C 296 28.79 24.38 32.92
CA ASN C 297 26.25 23.85 32.55
CA ASN C 298 26.77 21.00 35.02
CA ASP C 299 23.02 20.82 34.98
CA TYR C 300 21.36 18.81 34.57
CA GLY C 301 18.73 18.20 33.51
CA THR C 302 15.21 18.06 34.89
CA ASN C 303 12.60 20.67 35.55
CA ALA C 304 9.52 19.48 37.47
CA GLU C 305 7.12 22.35 36.73
CA LEU C 306 4.42 23.99 38.81
CA GLY C 307 3.76 24.87 41.35
CA ALA C 308 4.77 26.36 44.70
CA LYS C 309 7.08 29.19 45.78
CA SER C 310 7.96 31.91 47.65
CA CYS C 311 6.09 35.07 47.78
CA GLY C 312 7.70 37.23 50.59
CA LEU C 313 8.16 40.36 49.39
CA ILE C 314 9.30 43.90 48.67
CA PHE C 315 9.84 45.33 45.21
CA GLN C 316 11.55 48.51 45.09
CA LYS C 317 12.76 51.74 44.34
CA GLU C 318 15.20 54.38 45.47
CA ALA C 319 17.10 57.75 45.81
CA ALA C 320 15.55 61.06 47.02
CA GLY C 321 16.00 64.55 48.43
CA VAL C 322 19.51 63.96 46.91
CA VAL C 323 21.17 66.48 49.22
CA GLU C 324 22.05 64.03 50.81
CA ALA C 325 23.60 61.38 48.80
CA ILE C 326 25.64 64.52 48.47
CA GLY C 327 25.32 65.73 52.07
CA PRO C 328 26.62 62.42 53.35
CA GLN C 329 28.10 60.34 50.52
CA VAL C 330 30.23 57.19 50.79
CA GLN C 331 30.89 55.26 47.59
CA VAL C 332 29.34 53.78 45.84
CA THR C 333 25.80 55.19 45.90
CA ASN C 334 23.67 57.40 43.65
CA GLY C 335 20.15 56.92 42.32
CA ASP C 336 19.93 53.28 43.36
CA VAL C 337 17.39 52.16 45.95
CA SER C 338 15.68 48.77 46.27
CA VAL C 339 17.38 46.17 44.08
CA ILE C 340 16.15 43.09 45.95
CA TYR C 341 12.74 43.50 47.57
CA GLN C 342 11.92 40.38 49.58
CA GLY C 343 12.41 36.61 49.79
CA ASP C 344 10.50 34.65 50.17
CA VAL C 345 10.91 31.02 49.14
CA ILE C 346 9.90 28.49 46.48
CA LEU C 347 8.62 26.19 47.35
CA GLY C 348 8.33 22.61 46.13
CA ARG C 349 5.12 21.30 47.67
CA MET C 350 2.80 19.57 45.20
CA ALA C 351 4.41 17.68 43.96
CA MET C 352 8.14 17.97 43.31
CA GLY C 353 8.71 15.21 40.75
CA ALA C 354 11.93 15.82 38.86
CA ASP C 355 13.61 12.40 38.75
CA TYR C 356 15.04 12.21 35.22
CA LEU C 357 15.91 12.34 32.60
CA ASN C 358 19.53 11.33 32.01
CA PRO C 359 21.39 9.28 32.12
CA ALA C 360 19.64 8.29 28.88
CA ALA C 361 21.41 8.68 26.78
CA ALA C 362 25.05 8.67 25.67
CA VAL C 363 27.08 9.66 28.73
CA MET D 1 36.15 58.10 -39.03
CA ALA D 2 39.15 56.07 -37.84
CA ASN D 3 40.64 58.65 -35.45
CA ALA D 4 38.19 57.16 -32.94
CA ASN D 5 40.16 56.97 -30.99
CA GLN D 6 37.89 54.72 -28.93
CA VAL D 7 34.23 55.10 -27.96
CA ALA D 8 31.25 53.02 -26.87
CA LEU D 9 30.01 53.00 -29.34
CA GLY D 10 29.84 51.76 -32.93
CA ARG D 11 31.01 54.05 -33.95
CA SER D 12 34.12 56.23 -33.73
CA ASN D 13 36.12 54.01 -36.08
CA LEU D 14 38.53 51.21 -35.21
CA SER D 15 38.92 51.21 -31.42
CA THR D 16 41.80 50.61 -29.02
CA GLY D 17 39.72 48.70 -26.49
CA THR D 18 36.33 50.21 -25.70
CA GLY D 19 34.00 47.36 -26.62
CA TYR D 20 35.74 47.20 -24.47
CA GLY D 21 36.66 45.02 -23.04
CA GLY D 22 35.65 42.45 -23.23
CA ALA D 23 32.02 42.68 -22.17
CA THR D 24 28.88 41.53 -23.99
CA ASP D 25 31.75 39.99 -25.53
CA LYS D 26 29.85 38.64 -24.60
CA TYR D 27 28.14 36.01 -22.43
CA ALA D 28 29.80 33.36 -20.21
CA LEU D 29 30.22 35.87 -17.20
CA TYR D 30 30.54 39.69 -18.10
CA LEU D 31 33.75 40.01 -20.03
CA LYS D 32 34.78 42.87 -17.85
CA LEU D 33 38.07 42.54 -19.22
CA PHE D 34 40.49 43.63 -20.03
CA SER D 35 40.26 45.51 -16.73
CA GLY D 36 37.61 45.06 -16.02
CA GLU D 37 34.40 43.77 -14.48
CA MET D 38 33.38 40.53 -12.76
CA PHE D 39 32.55 42.25 -9.46
CA LYS D 40 30.87 45.17 -11.22
CA GLY D 41 28.40 42.96 -13.07
CA PHE D 42 24.96 44.44 -12.48
CA GLN D 43 22.28 45.10 -12.28
CA HIS D 44 21.31 45.79 -9.78
CA GLU D 45 18.71 43.31 -8.50
CA THR D 46 19.59 44.45 -4.98
CA ILE D 47 18.65 45.59 -2.64
CA ALA D 48 21.50 46.27 -0.22
CA ARG D 49 19.20 48.34 1.99
CA ASP D 50 19.18 47.94 4.73
CA LEU D 51 17.79 48.35 8.26
CA VAL D 52 20.58 49.78 10.42
CA THR D 53 20.13 53.55 10.55
CA LYS D 54 20.81 56.21 11.01
CA ARG D 55 20.45 57.99 8.92
CA THR D 56 21.93 60.30 9.30
CA LEU D 57 23.47 63.20 11.22
CA LYS D 58 25.39 66.24 9.97
CA ASN D 59 29.07 65.56 10.61
CA GLY D 60 31.48 63.46 12.66
CA LYS D 61 31.95 64.35 15.23
CA SER D 62 31.09 62.56 17.17
CA LEU D 63 28.86 60.05 18.94
CA GLN D 64 26.59 58.47 19.12
CA PHE D 65 24.04 55.71 19.73
CA ILE D 66 23.42 53.64 22.86
CA TYR D 67 20.86 51.05 23.99
CA THR D 68 20.96 48.28 23.97
CA GLY D 69 19.13 47.87 27.29
CA ARG D 70 21.09 45.48 29.49
CA MET D 71 22.41 45.97 31.88
CA THR D 72 23.54 47.06 35.35
CA SER D 73 24.73 44.62 38.03
CA SER D 74 25.35 43.45 40.46
CA PHE D 75 23.00 45.36 42.76
CA HIS D 76 23.56 42.34 44.99
CA THR D 77 21.98 42.95 48.39
CA PRO D 78 23.07 41.51 51.74
CA GLY D 79 21.60 43.00 53.58
CA THR D 80 22.52 43.35 57.25
CA PRO D 81 24.15 46.44 58.77
CA ILE D 82 26.93 48.39 57.06
CA LEU D 83 28.15 48.93 53.49
CA GLY D 84 26.25 51.24 51.15
CA ASN D 85 28.19 51.49 47.89
CA ALA D 86 31.07 49.61 46.28
CA ASP D 87 29.42 48.87 42.93
CA LYS D 88 30.32 50.34 39.54
CA ALA D 89 27.59 50.01 36.91
CA PRO D 90 28.81 49.32 33.37
CA PRO D 91 27.00 50.74 30.34
CA VAL D 92 27.22 50.48 26.54
CA ALA D 93 27.10 52.28 24.43
CA GLU D 94 29.92 52.11 21.88
CA LYS D 95 29.18 54.78 19.27
CA THR D 96 29.50 55.97 16.77
CA ILE D 97 32.54 57.68 15.24
CA VAL D 98 31.74 58.89 11.73
CA MET D 99 30.74 57.85 8.21
CA ASP D 100 31.93 59.49 5.00
CA ASP D 101 31.59 57.59 3.00
CA LEU D 102 31.91 58.24 -0.74
CA LEU D 103 32.08 58.63 -3.47
CA ILE D 104 31.32 61.13 -6.23
CA SER D 105 30.85 59.64 -9.71
CA SER D 106 31.21 61.37 -13.08
CA ALA D 107 29.74 60.97 -16.56
CA PHE D 108 32.12 58.95 -18.74
CA VAL D 109 31.24 60.46 -20.90
CA TYR D 110 32.94 62.33 -22.03
CA ASP D 111 32.51 66.11 -21.99
CA LEU D 112 28.99 66.97 -23.15
CA ASP D 113 30.99 67.21 -26.39
CA GLU D 114 31.51 63.46 -26.14
CA THR D 115 27.83 62.59 -25.78
CA LEU D 116 27.37 64.85 -28.81
CA ALA D 117 29.96 63.50 -31.25
CA HIS D 118 28.23 60.32 -30.07
CA TYR D 119 24.51 60.33 -31.07
CA GLU D 120 22.98 56.93 -32.07
CA LEU D 121 21.95 55.50 -28.96
CA ARG D 122 20.32 56.63 -25.71
CA GLY D 123 22.24 56.32 -22.45
CA GLU D 124 24.24 59.19 -20.99
CA ILE D 125 21.55 59.31 -18.32
CA SER D 126 20.36 56.93 -15.87
CA LYS D 127 22.56 54.73 -17.76
CA LYS D 128 25.72 55.95 -16.12
CA ILE D 129 24.48 57.43 -13.04
CA GLY D 130 22.56 54.29 -12.47
CA TYR D 131 25.31 51.84 -12.79
CA ALA D 132 27.52 54.01 -10.84
CA LEU D 133 25.25 54.27 -7.86
CA ALA D 134 24.20 50.69 -7.49
CA GLU D 135 27.79 49.38 -7.58
CA LYS D 136 29.23 52.22 -5.65
CA TYR D 137 27.00 51.01 -3.04
CA ASP D 138 28.33 47.48 -3.20
CA ARG D 139 31.71 48.68 -2.10
CA LEU D 140 29.94 50.52 0.68
CA ILE D 141 28.89 47.20 2.12
CA PHE D 142 32.24 45.67 1.90
CA ARG D 143 33.67 47.56 4.77
CA SER D 144 30.47 47.64 6.68
CA ILE D 145 29.56 44.10 6.67
CA THR D 146 33.16 43.16 7.00
CA ARG D 147 33.78 45.02 10.23
CA GLY D 148 30.98 43.37 11.90
CA ALA D 149 32.01 40.02 10.77
CA ARG D 150 35.68 39.59 11.36
CA SER D 151 35.38 42.04 14.07
CA ALA D 152 33.57 40.10 16.67
CA SER D 153 37.08 38.80 17.24
CA PRO D 154 39.73 39.31 14.53
CA VAL D 155 41.93 37.18 12.33
CA SER D 156 43.87 38.41 9.29
CA ALA D 157 41.51 39.98 6.76
CA THR D 158 42.56 37.90 3.76
CA ASN D 159 42.61 34.22 4.73
CA PHE D 160 38.82 34.33 4.43
CA VAL D 161 36.19 34.51 7.17
CA GLU D 162 35.83 30.77 6.65
CA PRO D 163 32.42 30.01 8.19
CA GLY D 164 32.83 27.09 8.02
CA GLY D 165 35.79 26.12 10.14
CA THR D 166 39.60 25.72 10.53
CA GLN D 167 38.91 22.25 9.11
CA ILE D 168 37.61 21.30 5.59
CA ARG D 169 39.43 19.38 2.79
CA VAL D 170 39.09 22.12 0.27
CA GLY D 171 37.26 24.76 -1.68
CA SER D 172 39.02 23.86 -4.94
CA GLY D 173 36.52 24.43 -7.60
CA THR D 174 33.91 23.82 -4.83
CA ASN D 175 34.42 22.07 -1.44
CA GLU D 176 34.07 21.29 1.59
CA SER D 177 31.70 20.13 4.35
CA ASP D 178 29.86 19.47 1.11
CA ALA D 179 28.15 22.64 0.10
CA PHE D 180 29.57 23.25 3.50
CA THR D 181 26.69 22.27 5.82
CA ALA D 182 26.99 19.34 3.95
CA SER D 183 24.29 21.93 3.15
CA ALA D 184 22.19 21.05 6.11
CA LEU D 185 24.53 22.87 8.36
CA VAL D 186 22.22 25.97 8.47
CA ASN D 187 19.09 25.52 10.63
CA ALA D 188 21.09 24.46 13.52
CA PHE D 189 23.52 27.24 12.98
CA TYR D 190 20.65 29.72 12.97
CA ASP D 191 18.64 28.69 15.93
CA ALA D 192 21.55 28.26 18.23
CA ALA D 193 22.74 31.66 17.25
CA ALA D 194 19.40 33.35 18.08
CA ALA D 195 18.86 31.58 21.18
CA MET D 196 21.89 33.51 22.18
CA ASP D 197 21.22 36.69 20.35
CA GLU D 198 21.37 36.21 23.99
CA LYS D 199 20.01 38.19 22.67
CA GLY D 200 17.71 40.33 20.98
CA VAL D 201 14.04 40.70 20.66
CA SER D 202 12.99 41.19 17.06
CA SER D 203 13.91 39.91 15.04
CA GLN D 204 14.89 39.30 12.40
CA GLY D 205 16.77 36.89 10.16
CA ARG D 206 18.29 37.47 6.74
CA CYS D 207 21.72 37.37 5.22
CA ALA D 208 24.06 35.98 4.40
CA VAL D 209 22.85 35.84 0.86
CA LEU D 210 23.11 32.23 -0.36
CA ASN D 211 20.83 31.68 -1.78
CA PRO D 212 22.36 29.00 -3.89
CA ARG D 213 22.93 28.18 -0.24
CA GLN D 214 19.43 29.19 0.74
CA TYR D 215 18.94 26.37 -1.60
CA TYR D 216 21.09 23.47 -0.52
CA ALA D 217 18.64 24.59 2.07
CA LEU D 218 15.73 24.48 -0.25
CA ILE D 219 16.26 20.79 -0.52
CA GLN D 220 13.15 19.57 1.18
CA ASP D 221 14.02 21.58 4.23
CA ILE D 222 17.41 20.03 4.38
CA GLY D 223 15.97 16.60 4.66
CA SER D 224 12.71 16.93 6.54
CA ASN D 225 14.57 19.43 8.47
CA GLY D 226 13.22 22.19 6.27
CA LEU D 227 10.74 23.77 5.97
CA VAL D 228 7.43 24.25 4.13
CA ASN D 229 7.53 21.33 1.76
CA ARG D 230 4.54 19.29 0.91
CA ASP D 231 0.92 20.15 0.88
CA VAL D 232 1.57 23.76 0.71
CA GLN D 233 2.83 24.40 -2.68
CA GLY D 234 6.20 22.79 -2.16
CA SER D 235 8.34 24.15 -4.96
CA ALA D 236 11.61 24.13 -6.83
CA LEU D 237 9.27 26.94 -7.86
CA GLN D 238 10.29 29.38 -5.01
CA SER D 239 11.48 30.56 -1.57
CA GLY D 240 11.31 29.67 1.17
CA ASN D 241 9.80 32.91 2.17
CA GLY D 242 9.25 33.36 5.84
CA VAL D 243 11.12 31.27 5.83
CA ILE D 244 12.64 30.04 9.13
CA GLU D 245 12.94 32.28 12.15
CA ILE D 246 14.21 35.61 10.81
CA ALA D 247 12.94 34.75 8.49
CA GLY D 248 10.59 37.42 9.75
CA ILE D 249 7.22 37.10 8.06
CA HIS D 250 8.42 38.95 4.93
CA ILE D 251 10.93 41.68 5.87
CA TYR D 252 13.95 39.44 5.61
CA LYS D 253 16.51 39.33 4.68
CA SER D 254 18.88 37.86 2.05
CA MET D 255 21.58 39.11 -0.35
CA ASN D 256 22.45 41.39 -3.30
CA ILE D 257 25.73 39.65 -2.89
CA PRO D 258 29.05 40.55 -1.58
CA PHE D 259 32.39 38.93 -1.39
CA LEU D 260 36.26 38.59 -1.51
CA GLY D 261 38.55 39.49 1.38
CA LYS D 262 41.57 39.75 -0.90
CA TYR D 263 44.29 42.23 0.09
CA GLY D 264 45.49 42.07 3.69
CA VAL D 265 41.85 42.84 4.41
CA LYS D 266 41.57 45.34 5.57
CA TYR D 267 41.02 47.55 8.61
CA GLY D 268 41.14 50.32 8.53
CA GLY D 269 37.75 50.32 10.22
CA THR D 270 36.74 47.85 7.53
CA THR D 271 34.49 50.74 6.52
CA GLY D 272 35.09 53.39 7.06
CA GLU D 273 36.22 55.76 6.20
CA THR D 274 38.75 57.54 3.98
CA SER D 275 39.96 55.14 3.33
CA PRO D 276 42.58 52.46 3.79
CA GLY D 277 40.85 49.10 3.16
CA ASN D 278 41.45 46.07 1.18
CA LEU D 279 40.06 43.51 -1.11
CA GLY D 280 36.91 43.64 -2.92
CA SER D 281 33.52 42.95 -1.53
CA HIS D 282 32.37 41.27 -4.69
CA ILE D 283 34.37 39.03 -7.05
CA GLY D 284 33.14 36.31 -9.42
CA PRO D 285 31.73 38.11 -10.92
CA THR D 286 32.33 35.90 -14.01
CA PRO D 287 32.83 33.96 -16.45
CA GLU D 288 32.31 30.18 -16.65
CA ASN D 289 33.11 27.64 -13.93
CA ALA D 290 30.76 25.26 -12.23
CA ASN D 291 32.44 25.52 -8.85
CA ALA D 292 33.40 29.10 -8.17
CA THR D 293 29.84 30.25 -8.86
CA GLY D 294 30.47 30.64 -5.15
CA GLY D 295 33.70 31.44 -3.29
CA VAL D 296 36.24 32.63 -2.74
CA ASN D 297 34.07 32.72 -1.27
CA ASN D 298 36.42 32.35 1.72
CA ASP D 299 33.36 33.22 3.70
CA TYR D 300 32.20 32.03 5.76
CA GLY D 301 29.62 31.62 7.00
CA THR D 302 27.49 33.44 9.55
CA ASN D 303 25.15 36.36 9.35
CA ALA D 304 23.92 37.71 12.69
CA GLU D 305 20.96 39.81 11.52
CA LEU D 306 19.51 43.07 12.74
CA GLY D 307 20.13 45.60 13.72
CA ALA D 308 22.44 48.60 13.80
CA LYS D 309 24.31 50.63 11.18
CA SER D 310 23.52 54.01 9.51
CA CYS D 311 25.18 57.13 8.17
CA GLY D 312 25.34 59.56 7.32
CA LEU D 313 26.80 60.82 5.16
CA ILE D 314 25.40 62.04 1.90
CA PHE D 315 24.06 60.78 -1.49
CA GLN D 316 24.14 61.92 -4.62
CA LYS D 317 24.61 63.45 -7.99
CA GLU D 318 25.57 65.65 -10.68
CA ALA D 319 24.85 67.92 -13.54
CA ALA D 320 25.23 70.68 -15.04
CA GLY D 321 25.62 73.87 -17.02
CA VAL D 322 27.79 71.48 -19.13
CA VAL D 323 29.86 74.30 -20.60
CA GLU D 324 31.94 73.51 -18.52
CA ALA D 325 32.69 69.91 -18.43
CA ILE D 326 33.54 71.23 -21.85
CA GLY D 327 34.93 74.61 -20.75
CA PRO D 328 37.37 72.86 -18.44
CA GLN D 329 38.30 69.45 -19.89
CA VAL D 330 38.90 66.42 -17.65
CA GLN D 331 37.61 62.85 -17.54
CA VAL D 332 35.03 61.86 -17.41
CA THR D 333 32.75 64.91 -17.29
CA ASN D 334 29.53 65.11 -19.29
CA GLY D 335 27.97 62.38 -17.16
CA ASP D 336 27.92 61.50 -13.47
CA VAL D 337 28.03 63.43 -10.19
CA SER D 338 27.51 61.83 -6.78
CA VAL D 339 28.28 58.10 -6.87
CA ILE D 340 28.92 57.64 -3.14
CA TYR D 341 26.90 59.96 -0.91
CA GLN D 342 27.96 59.46 2.71
CA GLY D 343 29.26 56.92 5.21
CA ASP D 344 28.32 56.40 7.76
CA VAL D 345 28.86 53.11 9.61
CA ILE D 346 27.15 49.86 10.60
CA LEU D 347 27.05 49.26 13.30
CA GLY D 348 26.91 46.09 15.37
CA ARG D 349 25.37 47.14 18.68
CA MET D 350 22.52 44.91 19.85
CA ALA D 351 23.56 42.35 19.76
CA MET D 352 26.22 41.06 17.35
CA GLY D 353 25.90 37.30 17.75
CA ALA D 354 27.40 35.52 14.76
CA ASP D 355 29.44 32.69 16.27
CA TYR D 356 28.77 29.76 13.94
CA LEU D 357 28.53 27.37 11.98
CA ASN D 358 30.89 24.41 12.56
CA PRO D 359 33.32 23.06 12.40
CA ALA D 360 31.27 20.05 13.52
CA ALA D 361 31.07 18.28 11.41
CA ALA D 362 32.73 16.72 8.35
CA VAL D 363 35.60 19.02 7.41
CA MET E 1 0.70 1.65 -65.14
CA ALA E 2 4.39 0.74 -65.04
CA ASN E 3 6.34 3.84 -63.66
CA ALA E 4 5.91 4.93 -60.04
CA ASN E 5 7.15 8.14 -58.29
CA GLN E 6 6.09 7.13 -54.84
CA VAL E 7 3.12 9.80 -54.95
CA ALA E 8 0.78 9.15 -54.54
CA LEU E 9 -0.35 6.07 -55.21
CA GLY E 10 -3.41 4.16 -54.68
CA ARG E 11 -2.10 4.22 -57.43
CA SER E 12 0.92 4.43 -59.86
CA ASN E 13 2.11 1.08 -61.15
CA LEU E 14 4.48 -0.55 -58.71
CA SER E 15 8.23 -0.64 -59.34
CA THR E 16 8.83 2.83 -60.78
CA GLY E 17 12.41 3.14 -59.56
CA THR E 18 12.21 6.05 -57.14
CA GLY E 19 10.71 5.32 -53.72
CA TYR E 20 8.52 5.28 -52.04
CA GLY E 21 7.70 7.33 -50.37
CA GLY E 22 8.99 5.09 -49.39
CA ALA E 23 12.57 3.85 -49.32
CA THR E 24 11.41 2.84 -45.84
CA ASP E 25 8.08 2.47 -44.04
CA LYS E 26 6.43 1.42 -42.09
CA TYR E 27 8.41 2.05 -38.90
CA ALA E 28 10.35 3.58 -37.67
CA LEU E 29 12.66 5.86 -39.68
CA TYR E 30 9.76 7.84 -41.15
CA LEU E 31 11.72 7.33 -44.38
CA LYS E 32 15.50 6.97 -44.38
CA LEU E 33 14.99 5.64 -47.91
CA PHE E 34 17.66 7.70 -49.67
CA SER E 35 18.45 9.69 -46.53
CA GLY E 36 17.93 8.30 -44.18
CA GLU E 37 16.19 10.52 -41.64
CA MET E 38 14.22 8.33 -39.23
CA PHE E 39 12.20 11.44 -38.38
CA LYS E 40 13.20 13.45 -41.44
CA GLY E 41 10.96 15.99 -39.72
CA PHE E 42 7.85 15.65 -37.57
CA GLN E 43 5.50 15.38 -36.23
CA HIS E 44 5.67 17.88 -35.18
CA GLU E 45 3.83 18.37 -32.19
CA THR E 46 5.82 21.60 -31.99
CA ILE E 47 7.62 23.67 -31.56
CA ALA E 48 10.50 25.97 -32.49
CA ARG E 49 9.28 28.39 -29.83
CA ASP E 50 10.80 29.55 -27.81
CA LEU E 51 9.40 33.00 -28.59
CA VAL E 52 11.09 36.33 -27.85
CA THR E 53 11.75 37.92 -31.24
CA LYS E 54 11.58 40.24 -32.75
CA ARG E 55 10.62 39.99 -35.33
CA THR E 56 10.75 41.10 -37.87
CA LEU E 57 13.52 43.60 -38.57
CA LYS E 58 13.27 44.59 -42.24
CA ASN E 59 16.06 45.35 -44.69
CA GLY E 60 18.68 46.16 -42.05
CA LYS E 61 21.40 46.48 -41.62
CA SER E 62 21.49 46.52 -38.84
CA LEU E 63 20.72 47.87 -35.37
CA GLN E 64 19.59 47.01 -31.85
CA PHE E 65 19.50 46.48 -29.13
CA ILE E 66 20.12 47.00 -26.48
CA TYR E 67 20.52 45.93 -22.85
CA THR E 68 21.19 44.92 -20.36
CA GLY E 69 22.42 47.64 -18.00
CA ARG E 70 25.85 46.89 -16.55
CA MET E 71 28.18 48.31 -16.06
CA THR E 72 31.42 49.29 -14.34
CA SER E 73 31.28 51.37 -12.52
CA SER E 74 31.62 53.65 -9.49
CA PHE E 75 33.44 53.96 -6.16
CA HIS E 76 35.91 56.15 -4.27
CA THR E 77 37.02 58.61 -3.64
CA PRO E 78 36.45 61.93 -1.85
CA GLY E 79 37.39 64.37 -0.94
CA THR E 80 40.89 65.80 -1.12
CA PRO E 81 42.67 68.13 -3.57
CA ILE E 82 43.00 68.06 -7.36
CA LEU E 83 41.68 65.18 -9.46
CA GLY E 84 39.06 65.01 -12.21
CA ASN E 85 37.91 61.56 -11.14
CA ALA E 86 37.78 59.11 -14.06
CA ASP E 87 35.74 56.21 -15.44
CA LYS E 88 34.68 54.72 -18.78
CA ALA E 89 33.71 51.27 -20.06
CA PRO E 90 30.83 49.68 -21.98
CA PRO E 91 29.19 47.69 -23.03
CA VAL E 92 25.86 46.55 -24.48
CA ALA E 93 26.07 44.40 -27.61
CA GLU E 94 23.96 44.33 -30.77
CA LYS E 95 25.57 42.97 -33.93
CA THR E 96 24.45 42.09 -36.31
CA ILE E 97 21.48 41.66 -38.66
CA VAL E 98 19.20 38.66 -38.22
CA MET E 99 19.97 36.43 -41.20
CA ASP E 100 17.67 33.93 -42.91
CA ASP E 101 15.23 33.43 -44.13
CA LEU E 102 14.48 29.88 -45.31
CA LEU E 103 13.88 27.31 -46.14
CA ILE E 104 11.45 28.09 -48.97
CA SER E 105 9.48 25.01 -50.02
CA SER E 106 7.71 23.61 -53.08
CA ALA E 107 4.87 21.17 -53.76
CA PHE E 108 6.28 17.72 -54.53
CA VAL E 109 4.13 17.35 -56.23
CA TYR E 110 4.55 17.33 -58.97
CA ASP E 111 3.30 19.91 -61.47
CA LEU E 112 -0.42 20.46 -60.94
CA ASP E 113 -0.38 17.80 -63.66
CA GLU E 114 1.08 15.43 -61.09
CA THR E 115 -1.62 16.01 -58.48
CA LEU E 116 -4.04 15.37 -61.36
CA ALA E 117 -2.74 12.12 -62.83
CA HIS E 118 -2.85 11.33 -59.13
CA TYR E 119 -6.45 11.50 -57.79
CA GLU E 120 -7.42 8.92 -55.06
CA LEU E 121 -6.41 10.51 -52.01
CA ARG E 122 -6.46 13.98 -50.46
CA GLY E 123 -3.17 15.69 -49.58
CA GLU E 124 -1.48 18.13 -51.92
CA ILE E 125 -2.46 20.76 -49.39
CA SER E 126 -1.69 21.29 -45.90
CA LYS E 127 -0.24 17.97 -46.31
CA LYS E 128 2.92 19.20 -47.95
CA ILE E 129 3.03 22.69 -46.91
CA GLY E 130 2.45 21.53 -43.43
CA TYR E 131 5.19 19.05 -43.16
CA ALA E 132 7.48 21.34 -44.86
CA LEU E 133 6.97 24.21 -42.48
CA ALA E 134 7.12 22.41 -39.20
CA GLU E 135 10.41 20.64 -40.07
CA LYS E 136 11.89 23.53 -41.88
CA TYR E 137 11.57 25.18 -38.64
CA ASP E 138 13.45 22.45 -36.83
CA ARG E 139 16.55 23.23 -38.82
CA LEU E 140 15.98 26.86 -37.93
CA ILE E 141 16.61 26.00 -34.32
CA PHE E 142 19.67 24.05 -34.95
CA ARG E 143 21.81 27.01 -35.63
CA SER E 144 20.05 29.20 -33.18
CA ILE E 145 20.14 27.13 -30.18
CA THR E 146 23.54 25.90 -31.11
CA ARG E 147 25.18 29.29 -31.19
CA GLY E 148 24.06 30.10 -27.81
CA ALA E 149 25.17 26.87 -26.44
CA ARG E 150 28.64 26.15 -27.64
CA SER E 151 29.13 29.77 -27.96
CA ALA E 152 29.35 30.82 -24.40
CA SER E 153 32.88 29.57 -24.90
CA PRO E 154 33.66 27.30 -27.88
CA VAL E 155 34.94 23.80 -28.49
CA SER E 156 34.76 21.97 -31.84
CA ALA E 157 31.90 22.44 -34.26
CA THR E 158 30.26 19.09 -34.43
CA ASN E 159 32.48 17.99 -31.56
CA PHE E 160 30.99 16.51 -28.42
CA VAL E 161 29.91 18.79 -25.63
CA GLU E 162 28.70 16.21 -23.04
CA PRO E 163 26.66 18.43 -20.66
CA GLY E 164 27.61 16.32 -18.82
CA GLY E 165 31.37 16.52 -18.54
CA THR E 166 34.85 15.64 -19.94
CA GLN E 167 34.41 12.52 -17.77
CA ILE E 168 31.82 9.67 -18.15
CA ARG E 169 32.44 5.97 -19.03
CA VAL E 170 30.26 6.00 -22.07
CA GLY E 171 27.14 6.73 -24.02
CA SER E 172 27.24 3.38 -25.82
CA GLY E 173 23.70 2.41 -26.29
CA THR E 174 23.02 4.63 -23.23
CA ASN E 175 25.53 5.84 -20.57
CA GLU E 176 26.90 7.62 -18.36
CA SER E 177 26.53 9.42 -15.02
CA ASP E 178 23.57 7.08 -15.21
CA ALA E 179 20.88 8.81 -17.15
CA PHE E 180 23.58 11.33 -16.64
CA THR E 181 22.55 13.06 -13.40
CA ALA E 182 22.58 9.74 -12.33
CA SER E 183 19.32 11.48 -13.27
CA ALA E 184 19.21 13.56 -10.16
CA LEU E 185 21.84 15.81 -11.53
CA VAL E 186 19.20 18.44 -12.58
CA ASN E 187 17.75 20.46 -9.68
CA ALA E 188 21.09 21.39 -8.49
CA PHE E 189 22.20 22.22 -11.96
CA TYR E 190 19.18 24.50 -12.34
CA ASP E 191 19.20 26.46 -9.18
CA ALA E 192 22.87 27.15 -9.18
CA ALA E 193 22.57 28.36 -12.69
CA ALA E 194 19.77 30.85 -11.87
CA ALA E 195 21.27 32.08 -8.82
CA MET E 196 23.83 33.32 -11.23
CA ASP E 197 21.61 34.23 -14.09
CA GLU E 198 23.63 36.51 -12.05
CA LYS E 199 21.37 37.16 -13.45
CA GLY E 200 18.10 37.87 -14.70
CA VAL E 201 14.78 38.75 -13.32
CA SER E 202 12.02 36.71 -14.91
CA SER E 203 12.11 34.19 -15.41
CA GLN E 204 11.79 31.67 -16.73
CA GLY E 205 12.84 28.02 -17.00
CA ARG E 206 12.31 25.57 -19.83
CA CYS E 207 14.47 23.58 -22.17
CA ALA E 208 16.35 21.54 -22.71
CA VAL E 209 13.64 19.16 -23.75
CA LEU E 210 14.13 15.88 -21.84
CA ASN E 211 11.66 15.04 -21.01
CA PRO E 212 12.55 11.42 -20.85
CA ARG E 213 15.01 13.39 -18.77
CA GLN E 214 12.32 15.59 -17.31
CA TYR E 215 11.43 12.18 -16.16
CA TYR E 216 14.46 10.58 -14.60
CA ALA E 217 13.40 13.76 -12.94
CA LEU E 218 9.87 12.70 -12.57
CA ILE E 219 11.05 9.99 -10.29
CA GLN E 220 9.57 11.17 -7.05
CA ASP E 221 11.31 14.47 -7.45
CA ILE E 222 14.60 12.77 -7.92
CA GLY E 223 14.35 11.09 -4.60
CA SER E 224 12.46 13.45 -2.32
CA ASN E 225 14.36 16.02 -4.11
CA GLY E 226 11.49 16.53 -6.51
CA LEU E 227 8.88 17.94 -6.58
CA VAL E 228 5.10 17.69 -6.21
CA ASN E 229 4.73 14.06 -5.29
CA ARG E 230 2.28 12.84 -2.75
CA ASP E 231 -0.97 14.24 -1.62
CA VAL E 232 -1.38 16.30 -4.64
CA GLN E 233 -2.13 13.96 -7.37
CA GLY E 234 1.33 12.48 -7.60
CA SER E 235 1.43 10.83 -11.00
CA ALA E 236 3.26 8.69 -13.48
CA LEU E 237 0.12 10.31 -14.88
CA GLN E 238 1.79 13.73 -15.75
CA SER E 239 4.18 16.70 -15.51
CA GLY E 240 5.60 18.14 -13.47
CA ASN E 241 4.04 21.33 -14.58
CA GLY E 242 5.26 24.40 -12.86
CA VAL E 243 7.34 22.60 -12.26
CA ILE E 244 10.52 23.83 -10.51
CA GLU E 245 11.72 27.39 -10.81
CA ILE E 246 11.33 28.27 -14.51
CA ALA E 247 9.32 26.34 -14.38
CA GLY E 248 7.34 29.55 -14.56
CA ILE E 249 3.76 28.91 -13.48
CA HIS E 250 2.79 27.56 -16.94
CA ILE E 251 4.70 29.41 -19.70
CA TYR E 252 7.63 27.06 -19.67
CA LYS E 253 9.36 25.70 -21.30
CA SER E 254 10.41 22.28 -22.68
CA MET E 255 11.20 20.71 -26.06
CA ASN E 256 9.94 19.83 -29.57
CA ILE E 257 13.32 18.23 -29.73
CA PRO E 258 16.52 18.98 -31.37
CA PHE E 259 19.81 17.26 -31.75
CA LEU E 260 23.07 16.04 -33.45
CA GLY E 261 25.50 18.29 -35.32
CA LYS E 262 26.62 16.38 -38.40
CA TYR E 263 29.52 17.99 -40.26
CA GLY E 264 32.14 19.30 -37.84
CA VAL E 265 29.63 21.75 -36.39
CA LYS E 266 29.37 24.28 -37.51
CA TYR E 267 30.94 27.50 -38.80
CA GLY E 268 28.53 27.73 -40.16
CA GLY E 269 26.82 30.66 -38.48
CA THR E 270 24.80 31.48 -35.38
CA THR E 271 22.27 34.33 -35.12
CA GLY E 272 22.19 35.54 -37.65
CA GLU E 273 23.23 35.50 -40.68
CA THR E 274 21.86 32.49 -42.65
CA SER E 275 21.99 30.38 -44.91
CA PRO E 276 24.86 27.77 -45.46
CA GLY E 277 25.35 24.11 -44.25
CA ASN E 278 26.75 21.70 -41.52
CA LEU E 279 25.24 18.93 -39.31
CA GLY E 280 22.58 21.06 -37.67
CA SER E 281 21.40 18.75 -34.89
CA HIS E 282 19.42 16.52 -37.25
CA ILE E 283 21.18 13.16 -37.37
CA GLY E 284 18.11 11.00 -36.86
CA PRO E 285 15.70 9.87 -36.08
CA THR E 286 15.60 5.91 -36.48
CA PRO E 287 15.09 2.56 -35.99
CA GLU E 288 14.37 0.57 -32.78
CA ASN E 289 16.98 0.70 -30.03
CA ALA E 290 16.40 0.96 -26.31
CA ASN E 291 19.40 3.17 -25.69
CA ALA E 292 19.69 5.76 -28.43
CA THR E 293 16.08 6.86 -27.83
CA GLY E 294 18.34 9.64 -26.63
CA GLY E 295 21.76 10.73 -27.89
CA VAL E 296 23.88 11.29 -29.73
CA ASN E 297 22.76 12.94 -28.02
CA ASN E 298 26.28 14.29 -27.45
CA ASP E 299 24.48 17.03 -25.61
CA TYR E 300 24.80 18.03 -23.19
CA GLY E 301 23.33 19.27 -21.02
CA THR E 302 22.37 22.81 -20.05
CA ASN E 303 19.61 25.10 -21.12
CA ALA E 304 19.88 28.70 -19.86
CA GLU E 305 16.31 29.90 -20.51
CA LEU E 306 14.92 33.25 -21.57
CA GLY E 307 15.32 35.44 -23.22
CA ALA E 308 16.57 36.90 -26.48
CA LYS E 309 16.37 35.86 -30.14
CA SER E 310 14.27 36.93 -33.23
CA CYS E 311 14.60 38.04 -36.92
CA GLY E 312 12.38 38.29 -39.97
CA LEU E 313 10.22 38.24 -41.66
CA ILE E 314 8.48 35.04 -42.87
CA PHE E 315 7.37 32.46 -44.46
CA GLN E 316 4.68 31.10 -46.54
CA LYS E 317 4.61 28.21 -48.78
CA GLU E 318 3.18 28.61 -51.55
CA ALA E 319 1.60 27.88 -55.10
CA ALA E 320 -0.50 29.64 -57.83
CA GLY E 321 -1.90 30.17 -61.31
CA VAL E 322 -0.54 26.58 -61.65
CA VAL E 323 -0.20 26.84 -65.43
CA GLU E 324 2.75 27.34 -64.87
CA ALA E 325 4.30 24.90 -62.58
CA ILE E 326 3.01 23.08 -65.62
CA GLY E 327 3.90 25.73 -68.22
CA PRO E 328 7.51 25.72 -67.05
CA GLN E 329 9.80 22.75 -66.39
CA VAL E 330 11.93 21.80 -63.38
CA GLN E 331 11.59 18.97 -60.86
CA VAL E 332 9.58 18.83 -58.96
CA THR E 333 7.47 21.99 -58.88
CA ASN E 334 3.81 21.90 -57.85
CA GLY E 335 2.76 22.07 -54.20
CA ASP E 336 4.74 24.19 -51.75
CA VAL E 337 5.97 27.79 -51.61
CA SER E 338 7.59 29.35 -48.54
CA VAL E 339 9.07 26.68 -46.26
CA ILE E 340 11.55 28.93 -44.43
CA TYR E 341 10.39 32.54 -44.04
CA GLN E 342 13.17 34.58 -42.44
CA GLY E 343 16.10 34.44 -40.02
CA ASP E 344 16.68 36.17 -37.95
CA VAL E 345 18.82 35.26 -34.93
CA ILE E 346 18.65 34.27 -31.27
CA LEU E 347 20.04 35.86 -29.46
CA GLY E 348 21.69 35.34 -26.09
CA ARG E 349 21.78 38.79 -24.49
CA MET E 350 20.48 38.87 -20.91
CA ALA E 351 21.93 36.90 -19.62
CA MET E 352 23.29 33.69 -21.17
CA GLY E 353 24.11 31.62 -18.09
CA ALA E 354 24.33 27.94 -19.00
CA ASP E 355 27.46 26.72 -17.20
CA TYR E 356 25.91 23.27 -16.98
CA LEU E 357 24.67 21.00 -15.99
CA ASN E 358 28.38 20.16 -15.93
CA PRO E 359 27.14 17.80 -15.11
CA ALA E 360 28.49 17.74 -11.56
CA ALA E 361 28.39 14.97 -11.42
CA ALA E 362 29.80 11.52 -12.16
CA VAL E 363 31.19 11.12 -15.68
CA MET F 1 -24.25 -47.34 -20.80
CA ALA F 2 -20.66 -48.45 -21.38
CA ASN F 3 -19.42 -46.09 -24.10
CA ALA F 4 -19.55 -42.32 -24.62
CA ASN F 5 -16.81 -42.30 -24.97
CA GLN F 6 -16.07 -38.75 -23.84
CA VAL F 7 -17.91 -35.52 -24.67
CA ALA F 8 -20.35 -35.64 -21.75
CA LEU F 9 -20.91 -38.33 -21.39
CA GLY F 10 -20.35 -41.94 -22.43
CA ARG F 11 -22.53 -40.61 -23.50
CA SER F 12 -22.65 -42.20 -20.05
CA ASN F 13 -20.06 -44.58 -18.59
CA LEU F 14 -16.57 -45.87 -19.36
CA SER F 15 -15.74 -47.65 -22.62
CA THR F 16 -12.18 -46.82 -23.69
CA GLY F 17 -11.09 -43.18 -24.01
CA THR F 18 -10.76 -40.17 -21.74
CA GLY F 19 -12.81 -37.49 -20.00
CA TYR F 20 -13.19 -34.91 -20.92
CA GLY F 21 -11.89 -32.65 -19.99
CA GLY F 22 -10.11 -35.20 -20.67
CA ALA F 23 -7.16 -35.36 -18.27
CA THR F 24 -6.80 -31.67 -17.41
CA ASP F 25 -7.64 -30.22 -13.99
CA LYS F 26 -9.03 -30.49 -11.61
CA TYR F 27 -8.29 -26.78 -11.23
CA ALA F 28 -6.30 -25.02 -12.02
CA LEU F 29 -5.47 -26.87 -15.25
CA TYR F 30 -7.37 -25.73 -18.34
CA LEU F 31 -8.67 -28.67 -20.38
CA LYS F 32 -8.32 -29.28 -24.11
CA LEU F 33 -6.39 -32.50 -24.71
CA PHE F 34 -2.75 -33.57 -24.48
CA SER F 35 -1.95 -30.37 -22.57
CA GLY F 36 -4.02 -29.94 -20.79
CA GLU F 37 -5.86 -26.78 -21.82
CA MET F 38 -2.19 -25.93 -22.35
CA PHE F 39 -3.69 -22.48 -21.79
CA LYS F 40 -6.71 -21.29 -23.78
CA GLY F 41 -8.15 -22.53 -20.48
CA PHE F 42 -11.05 -20.48 -19.14
CA GLN F 43 -13.05 -18.76 -18.31
CA HIS F 44 -12.33 -16.23 -19.20
CA GLU F 45 -11.15 -12.63 -19.63
CA THR F 46 -10.40 -10.20 -22.46
CA ILE F 47 -10.76 -8.10 -24.22
CA ALA F 48 -10.20 -8.73 -27.93
CA ARG F 49 -10.33 -4.95 -28.35
CA ASP F 50 -8.07 -3.68 -29.35
CA LEU F 51 -11.38 -2.41 -30.74
CA VAL F 52 -8.96 -0.57 -33.03
CA THR F 53 -10.52 -2.03 -36.18
CA LYS F 54 -11.71 -1.57 -38.65
CA ARG F 55 -13.88 -3.21 -39.22
CA THR F 56 -15.72 -4.29 -40.99
CA LEU F 57 -15.03 -6.50 -44.02
CA LYS F 58 -16.07 -3.41 -45.99
CA ASN F 59 -15.30 -5.70 -48.94
CA GLY F 60 -12.01 -5.70 -50.83
CA LYS F 61 -9.26 -5.42 -50.60
CA SER F 62 -8.07 -4.07 -48.49
CA LEU F 63 -7.92 -0.44 -47.39
CA GLN F 64 -5.96 2.34 -45.69
CA PHE F 65 -5.72 6.12 -45.40
CA ILE F 66 -2.91 8.40 -44.21
CA TYR F 67 -2.25 10.50 -41.11
CA THR F 68 0.51 10.46 -41.41
CA GLY F 69 2.06 13.58 -39.90
CA ARG F 70 4.81 14.56 -42.32
CA MET F 71 6.63 15.26 -44.28
CA THR F 72 10.19 15.91 -45.46
CA SER F 73 12.14 19.07 -46.31
CA SER F 74 13.79 21.26 -45.88
CA PHE F 75 14.09 25.00 -46.47
CA HIS F 76 17.87 25.41 -46.23
CA THR F 77 18.11 28.78 -47.99
CA PRO F 78 20.23 28.26 -51.11
CA GLY F 79 21.59 28.18 -53.54
CA THR F 80 22.64 29.21 -57.03
CA PRO F 81 19.56 30.26 -59.02
CA ILE F 82 17.37 27.34 -60.11
CA LEU F 83 14.49 25.14 -58.94
CA GLY F 84 12.39 23.71 -57.85
CA ASN F 85 11.36 21.20 -55.20
CA ALA F 86 13.09 17.80 -55.15
CA ASP F 87 10.57 15.91 -53.03
CA LYS F 88 10.26 12.12 -53.17
CA ALA F 89 9.22 9.58 -50.54
CA PRO F 90 5.71 10.44 -49.33
CA PRO F 91 3.87 8.53 -46.57
CA VAL F 92 2.58 6.46 -45.25
CA ALA F 93 2.61 2.75 -46.12
CA GLU F 94 -0.90 1.44 -45.45
CA LYS F 95 -2.04 -1.64 -47.37
CA THR F 96 -3.87 -3.26 -46.08
CA ILE F 97 -4.80 -6.75 -47.29
CA VAL F 98 -7.88 -7.67 -45.26
CA MET F 99 -6.97 -10.90 -43.47
CA ASP F 100 -9.68 -13.27 -42.25
CA ASP F 101 -11.50 -14.90 -40.92
CA LEU F 102 -11.70 -17.81 -38.48
CA LEU F 103 -11.88 -19.93 -36.71
CA ILE F 104 -15.33 -21.25 -37.62
CA SER F 105 -16.66 -23.64 -34.98
CA SER F 106 -19.05 -26.59 -34.68
CA ALA F 107 -21.18 -28.15 -31.94
CA PHE F 108 -19.32 -31.09 -30.38
CA VAL F 109 -21.79 -32.30 -30.00
CA TYR F 110 -22.48 -34.49 -31.54
CA ASP F 111 -25.23 -34.65 -34.16
CA LEU F 112 -28.46 -33.31 -32.64
CA ASP F 113 -28.79 -37.04 -32.04
CA GLU F 114 -25.87 -36.75 -29.63
CA THR F 115 -27.39 -33.94 -27.57
CA LEU F 116 -30.47 -36.17 -27.46
CA ALA F 117 -29.05 -39.52 -26.35
CA HIS F 118 -27.49 -37.10 -23.86
CA TYR F 119 -30.18 -35.40 -21.72
CA GLU F 120 -29.29 -34.71 -18.01
CA LEU F 121 -27.64 -31.54 -18.12
CA ARG F 122 -27.98 -28.20 -19.91
CA GLY F 123 -25.20 -27.00 -22.21
CA GLU F 124 -25.26 -27.58 -25.94
CA ILE F 125 -25.83 -23.86 -26.21
CA SER F 126 -23.93 -20.96 -25.20
CA LYS F 127 -21.93 -23.54 -23.58
CA LYS F 128 -20.11 -24.56 -26.70
CA ILE F 129 -20.52 -21.63 -28.83
CA GLY F 130 -19.37 -19.56 -25.98
CA TYR F 131 -16.20 -21.30 -25.21
CA ALA F 132 -15.44 -21.58 -28.79
CA LEU F 133 -15.72 -17.91 -29.51
CA ALA F 134 -13.83 -16.48 -26.60
CA GLU F 135 -10.80 -18.77 -27.18
CA LYS F 136 -10.97 -18.64 -30.89
CA TYR F 137 -10.42 -15.07 -30.36
CA ASP F 138 -7.33 -15.63 -28.25
CA ARG F 139 -5.58 -17.19 -31.20
CA LEU F 140 -6.70 -14.20 -33.20
CA ILE F 141 -4.50 -12.03 -31.04
CA PHE F 142 -1.54 -14.19 -31.26
CA ARG F 143 -0.69 -13.24 -34.76
CA SER F 144 -1.87 -9.72 -34.39
CA ILE F 145 -0.08 -8.69 -31.38
CA THR F 146 2.90 -10.71 -32.45
CA ARG F 147 3.42 -8.95 -35.75
CA GLY F 148 3.53 -5.67 -34.17
CA ALA F 149 5.90 -6.76 -31.56
CA ARG F 150 8.67 -8.68 -33.17
CA SER F 151 8.03 -6.79 -36.24
CA ALA F 152 9.33 -3.42 -35.34
CA SER F 153 12.59 -5.14 -36.23
CA PRO F 154 12.71 -8.96 -36.36
CA VAL F 155 14.52 -11.78 -34.63
CA SER F 156 13.53 -15.47 -34.87
CA ALA F 157 9.95 -16.60 -35.15
CA THR F 158 9.32 -18.52 -32.00
CA ASN F 159 12.68 -17.33 -30.74
CA PHE F 160 12.98 -15.57 -27.42
CA VAL F 161 12.51 -11.84 -27.24
CA GLU F 162 13.14 -11.23 -23.49
CA PRO F 163 11.69 -7.68 -23.05
CA GLY F 164 13.80 -7.72 -20.99
CA GLY F 165 17.17 -7.98 -22.66
CA THR F 166 19.93 -10.15 -24.24
CA GLN F 167 21.21 -10.32 -20.65
CA ILE F 168 19.53 -11.95 -17.57
CA ARG F 169 20.71 -14.97 -15.52
CA VAL F 170 17.60 -16.97 -16.10
CA GLY F 171 13.89 -17.53 -16.23
CA SER F 172 14.16 -21.01 -14.67
CA GLY F 173 11.10 -21.40 -12.62
CA THR F 174 11.11 -17.55 -12.45
CA ASN F 175 14.04 -15.17 -13.12
CA GLU F 176 15.65 -12.57 -13.95
CA SER F 177 16.15 -8.83 -13.48
CA ASP F 178 14.08 -9.94 -10.51
CA ALA F 179 10.50 -9.96 -11.58
CA PHE F 180 12.43 -8.45 -14.40
CA THR F 181 12.32 -4.71 -13.61
CA ALA F 182 13.64 -5.92 -10.62
CA SER F 183 9.92 -5.06 -10.94
CA ALA F 184 10.50 -1.37 -10.88
CA LEU F 185 11.69 -1.47 -14.41
CA VAL F 186 8.26 -0.25 -15.73
CA ASN F 187 7.58 3.47 -15.14
CA ALA F 188 10.75 4.43 -16.73
CA PHE F 189 10.15 2.07 -19.57
CA TYR F 190 6.74 3.65 -20.12
CA ASP F 191 7.48 7.30 -20.00
CA ALA F 192 10.53 7.14 -22.14
CA ALA F 193 8.57 5.21 -24.66
CA ALA F 194 5.76 7.81 -24.87
CA ALA F 195 7.96 10.70 -24.93
CA MET F 196 8.95 9.18 -28.18
CA ASP F 197 5.64 7.88 -29.31
CA GLU F 198 7.62 10.53 -30.88
CA LYS F 199 4.90 10.21 -31.07
CA GLY F 200 1.34 10.20 -30.77
CA VAL F 201 -1.28 12.33 -29.27
CA SER F 202 -3.80 10.29 -27.31
CA SER F 203 -3.26 8.35 -25.73
CA GLN F 204 -3.38 5.82 -24.36
CA GLY F 205 -1.60 3.22 -22.24
CA ARG F 206 -2.52 -0.39 -21.60
CA CYS F 207 -1.01 -3.76 -22.24
CA ALA F 208 0.98 -5.73 -21.82
CA VAL F 209 -1.19 -7.56 -19.37
CA LEU F 210 0.85 -8.17 -16.19
CA ASN F 211 -0.79 -7.66 -14.05
CA PRO F 212 1.02 -9.89 -11.67
CA ARG F 213 3.49 -7.47 -13.20
CA GLN F 214 1.10 -4.56 -12.90
CA TYR F 215 1.66 -5.61 -9.41
CA TYR F 216 5.36 -5.87 -8.78
CA ALA F 217 4.24 -2.46 -9.85
CA LEU F 218 1.54 -2.26 -7.30
CA ILE F 219 4.19 -2.35 -4.67
CA GLN F 220 3.84 1.11 -3.28
CA ASP F 221 4.36 2.55 -6.72
CA ILE F 222 7.52 0.62 -7.13
CA GLY F 223 9.04 2.21 -4.13
CA SER F 224 7.64 5.71 -3.91
CA ASN F 225 7.94 5.60 -7.56
CA GLY F 226 4.33 4.51 -7.87
CA LEU F 227 1.64 5.73 -7.78
CA VAL F 228 -1.50 6.47 -5.74
CA ASN F 229 -0.51 5.02 -2.41
CA ARG F 230 -1.35 6.62 0.85
CA ASP F 231 -4.14 8.88 1.81
CA VAL F 232 -6.22 7.87 -1.05
CA GLN F 233 -7.34 4.44 -0.33
CA GLY F 234 -3.98 2.81 -0.88
CA SER F 235 -4.79 -0.86 -1.39
CA ALA F 236 -3.58 -4.38 -1.85
CA LEU F 237 -7.32 -3.96 -2.36
CA GLN F 238 -7.09 -2.81 -6.08
CA SER F 239 -5.67 -1.19 -9.23
CA GLY F 240 -4.00 1.06 -9.91
CA ASN F 241 -6.65 2.40 -12.14
CA GLY F 242 -5.71 5.42 -14.13
CA VAL F 243 -3.17 4.45 -13.40
CA ILE F 244 -0.01 6.04 -14.86
CA GLU F 245 -0.01 7.80 -18.20
CA ILE F 246 -2.03 5.54 -20.52
CA ALA F 247 -3.23 4.77 -18.13
CA GLY F 248 -5.91 6.92 -19.72
CA ILE F 249 -8.47 7.93 -17.14
CA HIS F 250 -10.32 4.59 -17.41
CA ILE F 251 -10.20 3.29 -21.02
CA TYR F 252 -6.98 1.39 -20.56
CA LYS F 253 -5.73 -0.98 -21.13
CA SER F 254 -4.45 -4.30 -19.72
CA MET F 255 -4.65 -8.02 -20.59
CA ASN F 256 -6.91 -11.07 -21.14
CA ILE F 257 -3.57 -12.72 -21.51
CA PRO F 258 -1.59 -14.03 -24.30
CA PHE F 259 1.62 -15.89 -24.68
CA LEU F 260 4.15 -18.49 -26.06
CA GLY F 261 4.97 -18.94 -29.74
CA LYS F 262 5.27 -22.68 -30.36
CA TYR F 263 6.68 -23.59 -33.77
CA GLY F 264 9.58 -21.34 -34.70
CA VAL F 265 7.76 -18.21 -34.38
CA LYS F 266 6.38 -18.40 -36.88
CA TYR F 267 6.47 -14.69 -36.72
CA GLY F 268 4.88 -12.91 -37.97
CA GLY F 269 1.44 -13.98 -36.91
CA THR F 270 1.26 -12.16 -40.15
CA THR F 271 -2.49 -12.72 -39.91
CA GLY F 272 -4.62 -12.01 -41.54
CA GLU F 273 -4.12 -14.49 -42.66
CA THR F 274 -2.41 -17.87 -42.20
CA SER F 275 0.27 -18.06 -42.88
CA PRO F 276 2.81 -20.42 -41.31
CA GLY F 277 2.10 -22.21 -38.03
CA ASN F 278 2.72 -21.74 -34.31
CA LEU F 279 1.05 -22.33 -30.94
CA GLY F 280 -0.32 -19.54 -28.76
CA SER F 281 -0.60 -16.89 -28.00
CA HIS F 282 -1.30 -18.76 -24.77
CA ILE F 283 0.41 -21.93 -23.58
CA GLY F 284 -0.43 -22.60 -20.00
CA PRO F 285 -3.04 -23.27 -19.31
CA THR F 286 -1.83 -24.83 -15.92
CA PRO F 287 -1.29 -26.73 -13.46
CA GLU F 288 0.82 -26.07 -10.35
CA ASN F 289 4.16 -24.27 -10.23
CA ALA F 290 5.04 -21.14 -8.32
CA ASN F 291 7.35 -19.79 -10.99
CA ALA F 292 5.85 -20.36 -14.40
CA THR F 293 2.62 -18.66 -13.32
CA GLY F 294 4.33 -16.38 -15.80
CA GLY F 295 6.57 -17.23 -18.75
CA VAL F 296 7.57 -18.65 -21.03
CA ASN F 297 6.83 -16.14 -20.90
CA ASN F 298 9.80 -15.42 -23.19
CA ASP F 299 8.20 -12.04 -23.52
CA TYR F 300 9.16 -9.60 -23.19
CA GLY F 301 8.39 -6.92 -22.39
CA THR F 302 6.99 -3.86 -24.10
CA ASN F 303 3.53 -2.84 -25.13
CA ALA F 304 3.32 0.30 -27.30
CA GLU F 305 -0.40 1.11 -26.93
CA LEU F 306 -2.92 2.56 -29.34
CA GLY F 307 -3.80 2.55 -31.97
CA ALA F 308 -4.35 0.72 -35.24
CA LYS F 309 -5.69 -2.71 -36.21
CA SER F 310 -8.82 -4.05 -37.90
CA CYS F 311 -10.23 -6.72 -40.19
CA GLY F 312 -12.67 -7.97 -39.49
CA LEU F 313 -14.70 -8.60 -40.81
CA ILE F 314 -16.52 -10.06 -38.88
CA PHE F 315 -17.84 -12.95 -36.90
CA GLN F 316 -20.46 -15.17 -35.73
CA LYS F 317 -21.55 -18.67 -36.18
CA GLU F 318 -23.72 -21.18 -34.75
CA ALA F 319 -24.77 -23.95 -37.22
CA ALA F 320 -28.49 -24.55 -36.65
CA GLY F 321 -30.75 -27.40 -37.71
CA VAL F 322 -31.09 -30.99 -36.53
CA VAL F 323 -31.70 -32.90 -39.73
CA GLU F 324 -29.01 -32.63 -41.14
CA ALA F 325 -26.11 -32.61 -38.86
CA ILE F 326 -27.95 -35.86 -38.45
CA GLY F 327 -28.87 -36.39 -42.12
CA PRO F 328 -25.24 -36.08 -43.12
CA GLN F 329 -21.95 -36.80 -41.36
CA VAL F 330 -18.17 -36.39 -41.58
CA GLN F 331 -16.71 -35.40 -38.21
CA VAL F 332 -16.80 -33.60 -36.11
CA THR F 333 -19.87 -31.50 -35.30
CA ASN F 334 -22.24 -30.64 -32.45
CA GLY F 335 -23.40 -27.24 -31.20
CA ASP F 336 -21.31 -24.73 -33.13
CA VAL F 337 -21.12 -22.61 -36.28
CA SER F 338 -18.90 -19.54 -36.63
CA VAL F 339 -16.00 -19.64 -34.17
CA ILE F 340 -13.70 -17.25 -36.03
CA TYR F 341 -15.52 -14.55 -38.00
CA GLN F 342 -12.97 -12.51 -39.96
CA GLY F 343 -9.41 -11.18 -39.95
CA ASP F 344 -8.54 -8.60 -40.46
CA VAL F 345 -5.24 -7.17 -39.23
CA ILE F 346 -3.70 -4.92 -36.59
CA LEU F 347 -2.19 -2.78 -37.50
CA GLY F 348 0.73 -0.75 -36.16
CA ARG F 349 0.51 2.59 -37.96
CA MET F 350 0.75 5.62 -35.67
CA ALA F 351 3.06 5.18 -34.19
CA MET F 352 4.50 1.80 -33.19
CA GLY F 353 6.97 2.79 -30.47
CA ALA F 354 7.78 -0.21 -28.28
CA ASP F 355 11.56 -0.06 -27.87
CA TYR F 356 12.61 -1.30 -24.42
CA LEU F 357 12.64 -1.80 -21.70
CA ASN F 358 15.97 -3.63 -21.69
CA PRO F 359 18.36 -4.76 -22.55
CA ALA F 360 18.95 -2.01 -19.98
CA ALA F 361 19.16 -3.00 -17.39
CA ALA F 362 19.31 -5.77 -14.80
CA VAL F 363 19.66 -8.93 -16.87
CA MET G 1 -35.04 -46.30 -68.34
CA ALA G 2 -32.10 -48.33 -69.33
CA ASN G 3 -28.65 -48.33 -67.76
CA ALA G 4 -30.35 -49.42 -64.55
CA ASN G 5 -29.75 -50.99 -62.35
CA GLN G 6 -32.14 -51.63 -59.47
CA VAL G 7 -34.55 -51.10 -58.19
CA ALA G 8 -37.01 -52.30 -58.54
CA LEU G 9 -38.23 -50.08 -59.65
CA GLY G 10 -40.88 -47.57 -60.70
CA ARG G 11 -41.22 -47.91 -63.43
CA SER G 12 -38.75 -50.79 -63.55
CA ASN G 13 -37.67 -49.50 -66.97
CA LEU G 14 -36.34 -52.29 -69.20
CA SER G 15 -34.90 -54.16 -66.22
CA THR G 16 -31.26 -54.93 -67.01
CA GLY G 17 -28.48 -53.81 -64.68
CA THR G 18 -28.43 -56.22 -61.76
CA GLY G 19 -30.17 -56.61 -59.64
CA TYR G 20 -31.14 -58.77 -58.20
CA GLY G 21 -33.92 -56.21 -58.60
CA GLY G 22 -36.12 -55.46 -57.09
CA ALA G 23 -36.60 -56.79 -53.58
CA THR G 24 -35.11 -59.87 -55.25
CA ASP G 25 -36.41 -62.76 -57.35
CA LYS G 26 -40.19 -62.35 -57.11
CA TYR G 27 -41.60 -65.34 -55.22
CA ALA G 28 -41.49 -69.05 -56.04
CA LEU G 29 -39.58 -70.47 -53.07
CA TYR G 30 -39.28 -68.69 -49.72
CA LEU G 31 -38.30 -65.04 -50.22
CA LYS G 32 -35.35 -62.67 -49.83
CA LEU G 33 -34.72 -62.27 -53.55
CA PHE G 34 -31.52 -60.26 -53.97
CA SER G 35 -28.77 -62.78 -53.21
CA GLY G 36 -28.46 -63.98 -50.73
CA GLU G 37 -32.17 -64.77 -50.88
CA MET G 38 -34.27 -65.17 -47.73
CA PHE G 39 -32.51 -62.08 -46.39
CA LYS G 40 -34.63 -61.89 -43.24
CA GLY G 41 -38.30 -62.35 -44.11
CA PHE G 42 -39.10 -60.64 -40.83
CA GLN G 43 -42.88 -60.76 -41.29
CA HIS G 44 -43.23 -59.15 -37.85
CA GLU G 45 -41.57 -60.82 -34.87
CA THR G 46 -44.70 -59.76 -32.99
CA ILE G 47 -42.76 -57.06 -31.14
CA ALA G 48 -41.59 -55.46 -29.20
CA ARG G 49 -41.39 -54.58 -26.58
CA ASP G 50 -42.52 -58.07 -25.57
CA LEU G 51 -43.58 -56.13 -23.89
CA VAL G 52 -40.90 -56.29 -21.20
CA THR G 53 -42.43 -55.81 -17.81
CA LYS G 54 -40.97 -52.45 -19.18
CA ARG G 55 -41.53 -49.39 -18.09
CA THR G 56 -39.31 -47.94 -20.08
CA LEU G 57 -36.84 -45.14 -21.59
CA LYS G 58 -34.40 -42.48 -19.81
CA ASN G 59 -31.96 -39.70 -20.22
CA GLY G 60 -29.92 -41.77 -19.19
CA LYS G 61 -27.24 -42.44 -16.50
CA SER G 62 -29.48 -44.15 -14.09
CA LEU G 63 -32.71 -46.00 -13.30
CA GLN G 64 -34.86 -47.76 -10.71
CA PHE G 65 -35.78 -51.51 -10.13
CA ILE G 66 -38.52 -53.56 -9.75
CA TYR G 67 -40.35 -56.65 -8.86
CA THR G 68 -42.48 -57.90 -6.11
CA GLY G 69 -41.21 -61.26 -4.90
CA ARG G 70 -42.54 -60.31 -1.47
CA MET G 71 -40.27 -63.12 -0.30
CA THR G 72 -39.74 -61.40 3.05
CA SER G 73 -41.81 -60.58 6.14
CA SER G 74 -42.98 -62.14 9.40
CA PHE G 75 -41.52 -62.94 12.82
CA HIS G 76 -43.44 -63.45 14.75
CA THR G 77 -41.97 -62.67 18.17
CA PRO G 78 -43.72 -61.23 21.24
CA GLY G 79 -44.33 -59.58 23.40
CA THR G 80 -41.57 -57.02 23.90
CA PRO G 81 -38.97 -56.07 23.65
CA ILE G 82 -36.21 -55.16 21.21
CA LEU G 83 -37.42 -54.34 17.69
CA GLY G 84 -34.42 -56.23 16.34
CA ASN G 85 -34.18 -56.65 12.57
CA ALA G 86 -31.60 -57.90 10.06
CA ASP G 87 -31.25 -59.53 6.64
CA LYS G 88 -33.80 -58.60 3.99
CA ALA G 89 -34.42 -56.36 0.97
CA PRO G 90 -34.24 -58.47 -2.19
CA PRO G 91 -33.43 -57.93 -4.80
CA VAL G 92 -33.76 -54.96 -7.16
CA ALA G 93 -30.51 -55.05 -9.14
CA GLU G 94 -30.92 -52.78 -12.17
CA LYS G 95 -28.57 -50.29 -13.82
CA THR G 96 -27.62 -49.49 -17.41
CA ILE G 97 -27.12 -51.36 -20.68
CA VAL G 98 -26.23 -50.61 -23.20
CA MET G 99 -26.40 -48.81 -26.55
CA ASP G 100 -26.31 -49.26 -30.32
CA ASP G 101 -27.93 -47.74 -33.41
CA LEU G 102 -27.35 -48.02 -36.11
CA LEU G 103 -28.91 -47.69 -38.36
CA ILE G 104 -30.40 -47.11 -41.82
CA SER G 105 -29.32 -45.66 -45.17
CA SER G 106 -30.57 -46.51 -48.66
CA ALA G 107 -31.26 -43.53 -50.94
CA PHE G 108 -31.35 -46.17 -53.68
CA VAL G 109 -30.89 -48.38 -55.28
CA TYR G 110 -29.27 -45.52 -57.19
CA ASP G 111 -28.48 -42.49 -55.03
CA LEU G 112 -30.52 -40.46 -57.52
CA ASP G 113 -33.14 -41.28 -54.90
CA GLU G 114 -36.04 -39.15 -54.94
CA THR G 115 -35.17 -38.58 -58.37
CA LEU G 116 -36.78 -40.98 -60.18
CA ALA G 117 -38.24 -41.89 -56.86
CA HIS G 118 -41.42 -40.18 -58.09
CA TYR G 119 -42.99 -41.25 -61.38
CA GLU G 120 -43.24 -45.04 -61.31
CA LEU G 121 -45.86 -46.96 -59.32
CA ARG G 122 -46.21 -44.03 -56.93
CA GLY G 123 -46.42 -43.42 -54.24
CA GLU G 124 -45.70 -43.18 -50.51
CA ILE G 125 -44.24 -43.48 -48.17
CA SER G 126 -45.12 -44.31 -44.57
CA LYS G 127 -44.15 -47.86 -45.51
CA LYS G 128 -40.85 -48.24 -47.02
CA ILE G 129 -39.67 -46.43 -43.97
CA GLY G 130 -41.83 -47.98 -41.38
CA TYR G 131 -40.76 -51.27 -42.55
CA ALA G 132 -37.08 -50.93 -42.14
CA LEU G 133 -37.41 -49.76 -38.60
CA ALA G 134 -39.87 -52.03 -37.22
CA GLU G 135 -37.54 -54.59 -38.58
CA LYS G 136 -34.44 -53.32 -36.87
CA TYR G 137 -36.07 -52.94 -33.40
CA ASP G 138 -37.35 -56.49 -33.49
CA ARG G 139 -33.89 -57.80 -33.83
CA LEU G 140 -32.70 -55.92 -30.83
CA ILE G 141 -35.42 -57.41 -28.72
CA PHE G 142 -34.93 -61.09 -29.51
CA ARG G 143 -31.33 -60.42 -28.55
CA SER G 144 -32.08 -58.63 -25.35
CA ILE G 145 -34.45 -61.20 -24.34
CA THR G 146 -31.97 -63.86 -24.95
CA ARG G 147 -29.41 -62.96 -22.39
CA GLY G 148 -32.04 -63.92 -19.84
CA ALA G 149 -31.72 -67.11 -17.93
CA ARG G 150 -28.77 -68.13 -19.96
CA SER G 151 -27.14 -65.84 -17.48
CA ALA G 152 -28.70 -68.25 -15.25
CA SER G 153 -26.00 -70.42 -16.62
CA PRO G 154 -26.56 -68.17 -19.06
CA VAL G 155 -25.36 -65.29 -18.71
CA SER G 156 -24.94 -63.48 -22.03
CA ALA G 157 -21.61 -64.11 -23.85
CA THR G 158 -21.68 -66.54 -26.79
CA ASN G 159 -19.26 -67.86 -29.41
CA PHE G 160 -21.57 -69.16 -28.74
CA VAL G 161 -23.54 -70.97 -26.01
CA GLU G 162 -22.71 -73.59 -23.38
CA PRO G 163 -23.75 -76.32 -20.92
CA GLY G 164 -26.89 -77.35 -19.18
CA GLY G 165 -30.37 -76.02 -19.60
CA THR G 166 -31.39 -77.31 -23.06
CA GLN G 167 -30.85 -81.00 -24.07
CA ILE G 168 -33.08 -82.21 -25.90
CA ARG G 169 -31.60 -84.87 -28.23
CA VAL G 170 -32.47 -86.50 -30.66
CA GLY G 171 -32.17 -84.46 -33.85
CA SER G 172 -31.30 -85.78 -37.26
CA GLY G 173 -29.97 -86.50 -39.43
CA THR G 174 -31.36 -83.24 -40.82
CA ASN G 175 -33.57 -81.58 -42.66
CA GLU G 176 -36.76 -80.01 -44.36
CA SER G 177 -39.04 -78.75 -41.59
CA ASP G 178 -38.03 -81.46 -41.35
CA ALA G 179 -39.34 -83.21 -38.38
CA PHE G 180 -37.69 -83.49 -35.05
CA THR G 181 -36.16 -82.51 -32.04
CA ALA G 182 -38.82 -82.15 -29.35
CA SER G 183 -42.44 -81.67 -28.50
CA ALA G 184 -44.52 -84.31 -26.89
CA LEU G 185 -44.58 -84.05 -23.14
CA VAL G 186 -41.39 -82.28 -22.31
CA ASN G 187 -42.91 -79.00 -23.34
CA ALA G 188 -45.76 -79.54 -20.99
CA PHE G 189 -43.66 -80.31 -17.97
CA TYR G 190 -41.83 -77.11 -18.17
CA ASP G 191 -44.68 -74.85 -19.24
CA ALA G 192 -46.45 -75.48 -15.95
CA ALA G 193 -42.84 -74.99 -14.95
CA ALA G 194 -42.84 -71.56 -16.56
CA ALA G 195 -45.51 -71.12 -13.93
CA MET G 196 -43.42 -71.88 -10.85
CA ASP G 197 -41.34 -69.28 -9.45
CA GLU G 198 -41.07 -65.57 -9.26
CA LYS G 199 -44.82 -65.83 -9.39
CA GLY G 200 -46.90 -65.39 -12.51
CA VAL G 201 -48.92 -62.17 -12.79
CA SER G 202 -48.57 -62.79 -16.38
CA SER G 203 -48.27 -63.73 -18.95
CA GLN G 204 -48.34 -66.95 -21.22
CA GLY G 205 -48.03 -67.04 -25.09
CA ARG G 206 -45.03 -66.80 -27.60
CA CYS G 207 -42.38 -69.47 -28.61
CA ALA G 208 -42.39 -71.00 -32.17
CA VAL G 209 -41.52 -72.28 -34.51
CA LEU G 210 -44.76 -73.76 -33.16
CA ASN G 211 -47.33 -71.52 -34.86
CA PRO G 212 -49.27 -74.68 -34.01
CA ARG G 213 -46.76 -76.77 -32.08
CA GLN G 214 -48.75 -75.68 -29.12
CA TYR G 215 -51.98 -76.46 -30.94
CA TYR G 216 -50.93 -80.05 -31.37
CA ALA G 217 -49.79 -80.11 -27.89
CA LEU G 218 -53.29 -78.86 -27.05
CA ILE G 219 -55.05 -81.67 -28.85
CA GLN G 220 -52.67 -83.92 -26.93
CA ASP G 221 -53.77 -82.47 -23.60
CA ILE G 222 -55.54 -80.45 -24.32
CA GLY G 223 -58.23 -77.77 -24.25
CA SER G 224 -59.63 -78.61 -20.83
CA ASN G 225 -57.05 -77.12 -18.46
CA GLY G 226 -54.48 -75.46 -20.71
CA LEU G 227 -56.88 -74.18 -23.36
CA VAL G 228 -59.56 -72.85 -21.01
CA ASN G 229 -57.16 -71.26 -18.53
CA ARG G 230 -54.85 -69.61 -21.06
CA ASP G 231 -57.73 -68.31 -23.17
CA VAL G 232 -58.44 -64.58 -22.88
CA GLN G 233 -56.36 -62.32 -25.11
CA GLY G 234 -57.78 -60.15 -24.15
CA SER G 235 -57.82 -57.88 -27.19
CA ALA G 236 -56.84 -54.38 -28.32
CA LEU G 237 -53.98 -53.80 -30.77
CA GLN G 238 -53.08 -56.57 -33.21
CA SER G 239 -53.56 -60.35 -33.12
CA GLY G 240 -51.22 -62.38 -30.92
CA ASN G 241 -52.97 -63.93 -29.47
CA GLY G 242 -53.60 -66.19 -26.47
CA VAL G 243 -50.78 -68.32 -25.05
CA ILE G 244 -52.45 -71.31 -23.39
CA GLU G 245 -51.61 -72.08 -19.75
CA ILE G 246 -50.61 -69.36 -17.29
CA ALA G 247 -52.77 -68.03 -18.41
CA GLY G 248 -52.45 -65.36 -17.75
CA ILE G 249 -53.94 -64.40 -21.07
CA HIS G 250 -52.16 -61.56 -22.74
CA ILE G 251 -49.52 -61.10 -25.35
CA TYR G 252 -48.06 -63.67 -27.87
CA LYS G 253 -45.77 -65.72 -30.15
CA SER G 254 -43.25 -65.57 -32.66
CA MET G 255 -40.88 -65.13 -35.32
CA ASN G 256 -38.61 -62.20 -35.05
CA ILE G 257 -35.50 -64.42 -34.81
CA PRO G 258 -35.40 -65.90 -31.34
CA PHE G 259 -32.90 -68.64 -31.57
CA LEU G 260 -29.59 -69.42 -33.29
CA GLY G 261 -28.54 -67.18 -36.14
CA LYS G 262 -25.87 -66.07 -35.19
CA TYR G 263 -22.61 -66.16 -33.13
CA GLY G 264 -20.77 -62.94 -32.98
CA VAL G 265 -20.63 -61.28 -29.63
CA LYS G 266 -18.62 -60.58 -27.77
CA TYR G 267 -17.43 -59.30 -24.50
CA GLY G 268 -15.61 -56.60 -26.40
CA GLY G 269 -18.09 -54.17 -27.90
CA THR G 270 -21.25 -53.66 -29.98
CA THR G 271 -23.14 -52.94 -32.26
CA GLY G 272 -25.37 -53.94 -29.38
CA GLU G 273 -23.15 -52.33 -26.79
CA THR G 274 -24.19 -54.06 -23.67
CA SER G 275 -23.35 -56.02 -21.86
CA PRO G 276 -22.41 -58.73 -22.89
CA GLY G 277 -24.32 -59.18 -25.04
CA ASN G 278 -23.78 -60.12 -27.59
CA LEU G 279 -24.25 -62.90 -30.11
CA GLY G 280 -24.47 -61.55 -33.60
CA SER G 281 -25.17 -61.46 -36.36
CA HIS G 282 -28.54 -63.22 -36.91
CA ILE G 283 -31.84 -64.33 -35.38
CA GLY G 284 -33.50 -66.04 -36.79
CA PRO G 285 -33.63 -67.49 -40.30
CA THR G 286 -32.62 -66.66 -42.76
CA PRO G 287 -32.62 -69.21 -45.58
CA GLU G 288 -36.06 -68.66 -47.09
CA ASN G 289 -37.10 -70.83 -50.05
CA ALA G 290 -40.03 -72.85 -48.72
CA ASN G 291 -40.30 -74.87 -45.50
CA ALA G 292 -38.48 -78.20 -45.63
CA THR G 293 -34.74 -77.56 -45.05
CA GLY G 294 -32.28 -78.68 -43.68
CA GLY G 295 -32.15 -80.37 -40.29
CA VAL G 296 -32.59 -76.75 -39.05
CA ASN G 297 -34.07 -73.33 -39.55
CA ASN G 298 -35.39 -71.06 -36.74
CA ASP G 299 -33.44 -72.38 -34.42
CA TYR G 300 -33.31 -71.99 -30.59
CA GLY G 301 -34.06 -72.05 -26.81
CA THR G 302 -37.09 -72.30 -24.44
CA ASN G 303 -38.70 -69.20 -22.88
CA ALA G 304 -40.45 -68.59 -19.59
CA GLU G 305 -40.72 -65.40 -17.63
CA LEU G 306 -40.35 -64.37 -20.58
CA GLY G 307 -40.38 -61.93 -18.42
CA ALA G 308 -40.65 -59.21 -16.55
CA LYS G 309 -38.42 -56.60 -18.22
CA SER G 310 -39.09 -53.50 -20.56
CA CYS G 311 -36.32 -51.23 -22.22
CA GLY G 312 -36.11 -47.70 -23.80
CA LEU G 313 -36.01 -44.83 -25.30
CA ILE G 314 -35.31 -43.30 -28.78
CA PHE G 315 -36.91 -44.55 -31.97
CA GLN G 316 -38.29 -43.52 -35.34
CA LYS G 317 -36.50 -42.28 -38.54
CA GLU G 318 -35.96 -38.91 -40.23
CA ALA G 319 -36.81 -37.71 -43.74
CA ALA G 320 -35.56 -35.54 -44.95
CA GLY G 321 -35.64 -32.02 -46.33
CA VAL G 322 -34.79 -33.20 -49.84
CA VAL G 323 -33.74 -29.56 -50.29
CA GLU G 324 -31.47 -30.12 -48.53
CA ALA G 325 -31.80 -33.60 -49.86
CA ILE G 326 -30.75 -32.03 -53.16
CA GLY G 327 -28.37 -30.01 -51.03
CA PRO G 328 -26.22 -32.92 -49.81
CA GLN G 329 -24.31 -35.25 -52.17
CA VAL G 330 -23.16 -38.86 -51.86
CA GLN G 331 -25.26 -42.00 -52.26
CA VAL G 332 -27.83 -42.91 -51.73
CA THR G 333 -30.48 -40.48 -50.50
CA ASN G 334 -34.11 -39.69 -51.29
CA GLY G 335 -37.20 -41.34 -49.83
CA ASP G 336 -35.87 -42.14 -46.36
CA VAL G 337 -33.43 -40.79 -43.78
CA SER G 338 -33.32 -42.63 -40.45
CA VAL G 339 -33.31 -46.35 -39.62
CA ILE G 340 -32.57 -47.07 -35.96
CA TYR G 341 -33.73 -46.67 -32.36
CA GLN G 342 -32.53 -47.81 -28.92
CA GLY G 343 -32.42 -51.05 -26.94
CA ASP G 344 -33.56 -50.36 -24.51
CA VAL G 345 -31.94 -53.25 -22.63
CA ILE G 346 -34.36 -56.10 -21.92
CA LEU G 347 -33.85 -56.51 -19.22
CA GLY G 348 -33.52 -57.26 -15.52
CA ARG G 349 -36.21 -58.02 -12.96
CA MET G 350 -37.68 -61.26 -14.30
CA ALA G 351 -36.25 -63.05 -15.86
CA MET G 352 -37.19 -66.63 -14.97
CA GLY G 353 -35.28 -67.23 -16.89
CA ALA G 354 -36.25 -69.79 -17.24
CA ASP G 355 -36.90 -72.08 -20.22
CA TYR G 356 -34.70 -75.10 -20.95
CA LEU G 357 -35.84 -77.23 -22.31
CA ASN G 358 -35.73 -80.35 -20.12
CA PRO G 359 -36.12 -83.73 -21.85
CA ALA G 360 -35.26 -85.58 -23.73
CA ALA G 361 -33.96 -87.93 -24.45
CA ALA G 362 -32.96 -89.82 -27.61
CA VAL G 363 -32.42 -93.37 -26.35
#